data_1Q1W
#
_entry.id   1Q1W
#
_cell.length_a   70.040
_cell.length_b   104.327
_cell.length_c   166.602
_cell.angle_alpha   90.00
_cell.angle_beta   90.00
_cell.angle_gamma   90.00
#
_symmetry.space_group_name_H-M   'P 21 21 21'
#
loop_
_entity.id
_entity.type
_entity.pdbx_description
1 polymer 'Putidaredoxin reductase'
2 non-polymer 'FLAVIN-ADENINE DINUCLEOTIDE'
3 water water
#
_entity_poly.entity_id   1
_entity_poly.type   'polypeptide(L)'
_entity_poly.pdbx_seq_one_letter_code
;MNANDNVVIVGTGLAGVEVAFGLRASGWEGNIRLVGDATVIPHHLPPLSKAYLAGKATAESLYLRTPDAYAAQNIQLLGG
TQVTAINRDRQQVILSDGRALDYDRLVLATGGRPRPLPVASGAVGKANNFRYLRTLEDAECIRRQLIADNRLVVIGGGYI
GLEVAATAIKANMHVTLLDTAARVLERVTAPPVSAFYEHLHREAGVDIRTGTQVCGFEMSTDQQKVTAVLCEDGTRLPAD
LVIAGIGLIPNCELASAAGLQVDNGIVINEHMQTSDPLIMAVGDCARFHSQLYDRWVRIESVPNALEQARKIAAILCGKV
PRDEAAPWFWSDQYEIGLKMVGLSEGYDRIIVRGSLAQPDFSVFYLQGDRVLAVDTVNRPVEFNQSKQIITDRLPVEPNL
LGDESVPLKEIIAAAKAELSSAPARHHHHHH
;
_entity_poly.pdbx_strand_id   A,B
#
loop_
_chem_comp.id
_chem_comp.type
_chem_comp.name
_chem_comp.formula
FAD non-polymer 'FLAVIN-ADENINE DINUCLEOTIDE' 'C27 H33 N9 O15 P2'
#
# COMPACT_ATOMS: atom_id res chain seq x y z
N ASN A 2 33.85 -20.04 2.20
CA ASN A 2 34.88 -20.89 2.87
C ASN A 2 34.27 -22.05 3.65
N ALA A 3 32.96 -22.24 3.50
CA ALA A 3 32.25 -23.32 4.17
C ALA A 3 32.19 -23.14 5.69
N ASN A 4 33.11 -22.37 6.24
CA ASN A 4 33.16 -22.13 7.68
C ASN A 4 32.98 -20.65 7.96
N ASP A 5 33.65 -19.81 7.16
CA ASP A 5 33.56 -18.38 7.34
C ASP A 5 32.13 -17.90 7.26
N ASN A 6 31.67 -17.24 8.33
CA ASN A 6 30.31 -16.70 8.37
C ASN A 6 30.37 -15.25 7.94
N VAL A 7 29.46 -14.86 7.06
CA VAL A 7 29.40 -13.48 6.60
C VAL A 7 28.14 -12.82 7.14
N VAL A 8 28.28 -11.60 7.63
CA VAL A 8 27.15 -10.84 8.17
C VAL A 8 26.98 -9.52 7.40
N ILE A 9 25.77 -9.31 6.87
CA ILE A 9 25.47 -8.11 6.11
C ILE A 9 24.48 -7.25 6.89
N VAL A 10 24.88 -6.01 7.16
CA VAL A 10 24.02 -5.09 7.90
C VAL A 10 23.28 -4.21 6.90
N GLY A 11 21.97 -4.39 6.83
CA GLY A 11 21.18 -3.59 5.90
C GLY A 11 20.55 -4.49 4.85
N THR A 12 19.23 -4.46 4.76
CA THR A 12 18.51 -5.28 3.80
C THR A 12 18.02 -4.46 2.61
N GLY A 13 18.84 -3.52 2.17
CA GLY A 13 18.48 -2.72 1.01
C GLY A 13 19.00 -3.44 -0.22
N LEU A 14 18.84 -2.85 -1.40
CA LEU A 14 19.33 -3.49 -2.61
C LEU A 14 20.80 -3.88 -2.49
N ALA A 15 21.59 -3.02 -1.87
CA ALA A 15 23.01 -3.30 -1.72
C ALA A 15 23.23 -4.60 -0.94
N GLY A 16 22.79 -4.62 0.32
CA GLY A 16 22.98 -5.80 1.14
C GLY A 16 22.38 -7.07 0.56
N VAL A 17 21.19 -6.98 -0.02
CA VAL A 17 20.56 -8.16 -0.58
C VAL A 17 21.33 -8.67 -1.80
N GLU A 18 21.84 -7.74 -2.61
CA GLU A 18 22.59 -8.09 -3.80
C GLU A 18 23.93 -8.74 -3.41
N VAL A 19 24.48 -8.34 -2.27
CA VAL A 19 25.74 -8.91 -1.80
C VAL A 19 25.47 -10.35 -1.38
N ALA A 20 24.38 -10.55 -0.63
CA ALA A 20 23.99 -11.85 -0.13
C ALA A 20 23.87 -12.88 -1.25
N PHE A 21 23.03 -12.59 -2.24
CA PHE A 21 22.84 -13.51 -3.36
C PHE A 21 24.06 -13.57 -4.28
N GLY A 22 24.80 -12.47 -4.34
CA GLY A 22 26.00 -12.46 -5.18
C GLY A 22 26.99 -13.46 -4.62
N LEU A 23 27.21 -13.38 -3.32
CA LEU A 23 28.11 -14.27 -2.61
C LEU A 23 27.79 -15.73 -2.92
N ARG A 24 26.54 -16.12 -2.62
CA ARG A 24 26.07 -17.48 -2.83
C ARG A 24 26.07 -17.86 -4.30
N ALA A 25 26.20 -16.87 -5.17
CA ALA A 25 26.21 -17.13 -6.61
C ALA A 25 27.63 -17.31 -7.13
N SER A 26 28.59 -16.72 -6.43
CA SER A 26 29.99 -16.83 -6.81
C SER A 26 30.66 -17.98 -6.07
N GLY A 27 29.85 -18.89 -5.54
CA GLY A 27 30.36 -20.05 -4.85
C GLY A 27 30.77 -19.95 -3.39
N TRP A 28 30.02 -19.18 -2.61
CA TRP A 28 30.32 -19.05 -1.18
C TRP A 28 29.51 -20.13 -0.45
N GLU A 29 30.19 -20.97 0.32
CA GLU A 29 29.50 -22.04 1.04
C GLU A 29 29.27 -21.71 2.50
N GLY A 30 29.95 -20.68 2.99
CA GLY A 30 29.77 -20.30 4.38
C GLY A 30 28.37 -19.79 4.65
N ASN A 31 28.09 -19.45 5.91
CA ASN A 31 26.78 -18.95 6.27
C ASN A 31 26.65 -17.46 5.94
N ILE A 32 25.46 -17.05 5.53
CA ILE A 32 25.20 -15.66 5.18
C ILE A 32 24.02 -15.11 5.98
N ARG A 33 24.25 -14.04 6.72
CA ARG A 33 23.18 -13.42 7.51
C ARG A 33 22.91 -11.99 7.09
N LEU A 34 21.64 -11.68 6.91
CA LEU A 34 21.20 -10.36 6.54
C LEU A 34 20.46 -9.80 7.74
N VAL A 35 20.94 -8.70 8.28
CA VAL A 35 20.29 -8.08 9.42
C VAL A 35 19.86 -6.68 9.04
N GLY A 36 18.56 -6.42 9.10
CA GLY A 36 18.05 -5.11 8.74
C GLY A 36 17.00 -4.64 9.73
N ASP A 37 16.93 -3.34 9.97
CA ASP A 37 15.94 -2.81 10.90
C ASP A 37 14.56 -2.78 10.26
N ALA A 38 14.53 -2.79 8.92
CA ALA A 38 13.27 -2.78 8.21
C ALA A 38 12.55 -4.11 8.46
N THR A 39 11.24 -4.05 8.62
CA THR A 39 10.46 -5.27 8.89
C THR A 39 10.00 -5.93 7.59
N VAL A 40 9.70 -5.13 6.58
CA VAL A 40 9.23 -5.63 5.29
C VAL A 40 10.23 -6.49 4.52
N ILE A 41 9.70 -7.20 3.53
CA ILE A 41 10.48 -8.04 2.63
C ILE A 41 11.32 -7.13 1.74
N PRO A 42 12.64 -7.34 1.67
CA PRO A 42 13.46 -6.47 0.82
C PRO A 42 12.83 -6.24 -0.55
N HIS A 43 12.64 -4.97 -0.90
CA HIS A 43 12.00 -4.59 -2.15
C HIS A 43 12.75 -3.48 -2.92
N HIS A 44 12.30 -3.24 -4.16
CA HIS A 44 12.89 -2.21 -5.01
C HIS A 44 12.43 -0.83 -4.54
N LEU A 45 13.26 0.18 -4.77
CA LEU A 45 12.96 1.56 -4.37
C LEU A 45 12.46 2.42 -5.52
N PRO A 46 13.15 2.39 -6.66
CA PRO A 46 12.75 3.20 -7.82
C PRO A 46 11.24 3.21 -8.14
N PRO A 47 10.55 2.08 -7.93
CA PRO A 47 9.11 2.10 -8.22
C PRO A 47 8.29 3.02 -7.35
N LEU A 48 8.77 3.27 -6.14
CA LEU A 48 8.07 4.10 -5.16
C LEU A 48 7.81 5.57 -5.54
N SER A 49 8.46 6.06 -6.59
CA SER A 49 8.23 7.42 -7.02
C SER A 49 7.72 7.35 -8.46
N LYS A 50 7.49 6.12 -8.89
CA LYS A 50 7.03 5.84 -10.25
C LYS A 50 5.74 5.02 -10.32
N ALA A 51 5.83 3.82 -10.87
CA ALA A 51 4.66 2.95 -11.03
C ALA A 51 3.94 2.54 -9.75
N TYR A 52 4.69 2.19 -8.72
CA TYR A 52 4.04 1.80 -7.49
C TYR A 52 3.35 3.02 -6.91
N LEU A 53 4.03 4.15 -6.94
CA LEU A 53 3.45 5.38 -6.44
C LEU A 53 2.17 5.69 -7.22
N ALA A 54 2.09 5.17 -8.44
CA ALA A 54 0.93 5.36 -9.30
C ALA A 54 -0.17 4.30 -9.05
N GLY A 55 0.11 3.35 -8.15
CA GLY A 55 -0.85 2.30 -7.86
C GLY A 55 -1.08 1.37 -9.04
N LYS A 56 -0.11 1.31 -9.94
CA LYS A 56 -0.23 0.47 -11.13
C LYS A 56 0.65 -0.78 -11.09
N ALA A 57 1.34 -1.00 -9.98
CA ALA A 57 2.17 -2.19 -9.86
C ALA A 57 1.78 -2.86 -8.56
N THR A 58 1.78 -4.18 -8.55
CA THR A 58 1.41 -4.91 -7.35
C THR A 58 2.54 -4.81 -6.33
N ALA A 59 2.22 -4.96 -5.05
CA ALA A 59 3.23 -4.90 -4.00
C ALA A 59 4.19 -6.06 -4.19
N GLU A 60 3.64 -7.16 -4.71
CA GLU A 60 4.40 -8.37 -4.95
C GLU A 60 5.53 -8.18 -5.98
N SER A 61 5.28 -7.33 -6.98
CA SER A 61 6.28 -7.09 -8.01
C SER A 61 7.47 -6.33 -7.47
N LEU A 62 7.33 -5.83 -6.24
CA LEU A 62 8.41 -5.04 -5.66
C LEU A 62 9.55 -5.85 -5.03
N TYR A 63 9.25 -7.07 -4.57
CA TYR A 63 10.27 -7.91 -3.92
C TYR A 63 11.58 -8.01 -4.69
N LEU A 64 12.70 -7.74 -4.02
CA LEU A 64 13.99 -7.87 -4.68
C LEU A 64 14.09 -9.32 -5.11
N ARG A 65 13.79 -10.21 -4.17
CA ARG A 65 13.82 -11.63 -4.40
C ARG A 65 12.61 -12.23 -3.69
N THR A 66 12.02 -13.28 -4.26
CA THR A 66 10.86 -13.91 -3.63
C THR A 66 11.31 -14.46 -2.29
N PRO A 67 10.38 -14.65 -1.34
CA PRO A 67 10.76 -15.18 -0.04
C PRO A 67 11.38 -16.58 -0.12
N ASP A 68 10.91 -17.38 -1.07
CA ASP A 68 11.44 -18.73 -1.21
C ASP A 68 12.93 -18.70 -1.53
N ALA A 69 13.33 -17.73 -2.34
CA ALA A 69 14.73 -17.58 -2.75
C ALA A 69 15.68 -17.50 -1.58
N TYR A 70 15.30 -16.81 -0.51
CA TYR A 70 16.19 -16.73 0.64
C TYR A 70 16.40 -18.13 1.16
N ALA A 71 15.31 -18.88 1.29
CA ALA A 71 15.37 -20.25 1.77
C ALA A 71 16.30 -21.06 0.86
N ALA A 72 15.92 -21.14 -0.41
CA ALA A 72 16.68 -21.89 -1.41
C ALA A 72 18.16 -21.57 -1.44
N GLN A 73 18.51 -20.29 -1.39
CA GLN A 73 19.92 -19.90 -1.42
C GLN A 73 20.57 -19.97 -0.05
N ASN A 74 19.80 -20.41 0.95
CA ASN A 74 20.31 -20.54 2.30
C ASN A 74 20.87 -19.21 2.82
N ILE A 75 20.08 -18.15 2.65
CA ILE A 75 20.45 -16.83 3.12
C ILE A 75 19.52 -16.52 4.29
N GLN A 76 20.10 -16.28 5.46
CA GLN A 76 19.30 -15.98 6.63
C GLN A 76 18.97 -14.51 6.68
N LEU A 77 17.68 -14.21 6.71
CA LEU A 77 17.22 -12.84 6.75
C LEU A 77 16.65 -12.54 8.13
N LEU A 78 17.23 -11.55 8.81
CA LEU A 78 16.77 -11.17 10.15
C LEU A 78 16.34 -9.70 10.15
N GLY A 79 15.04 -9.48 9.94
CA GLY A 79 14.50 -8.13 9.90
C GLY A 79 14.02 -7.58 11.24
N GLY A 80 13.58 -6.33 11.22
CA GLY A 80 13.10 -5.68 12.44
C GLY A 80 14.16 -5.69 13.52
N THR A 81 15.42 -5.89 13.13
CA THR A 81 16.51 -5.91 14.08
C THR A 81 17.53 -4.82 13.79
N GLN A 82 17.80 -3.98 14.79
CA GLN A 82 18.76 -2.91 14.60
C GLN A 82 20.13 -3.24 15.19
N VAL A 83 21.15 -3.19 14.35
CA VAL A 83 22.51 -3.45 14.80
C VAL A 83 22.95 -2.17 15.52
N THR A 84 23.33 -2.29 16.79
CA THR A 84 23.73 -1.11 17.56
C THR A 84 25.21 -0.93 17.76
N ALA A 85 26.00 -1.96 17.47
CA ALA A 85 27.45 -1.84 17.63
C ALA A 85 28.22 -3.00 16.99
N ILE A 86 29.48 -2.71 16.68
CA ILE A 86 30.38 -3.69 16.07
C ILE A 86 31.57 -3.82 17.02
N ASN A 87 31.93 -5.06 17.36
CA ASN A 87 33.09 -5.30 18.20
C ASN A 87 34.11 -5.95 17.32
N ARG A 88 34.94 -5.09 16.71
CA ARG A 88 35.98 -5.53 15.79
C ARG A 88 36.91 -6.53 16.45
N ASP A 89 37.21 -6.27 17.72
CA ASP A 89 38.08 -7.14 18.51
C ASP A 89 37.59 -8.59 18.52
N ARG A 90 36.41 -8.83 19.11
CA ARG A 90 35.87 -10.19 19.18
C ARG A 90 35.30 -10.63 17.83
N GLN A 91 35.10 -9.66 16.93
CA GLN A 91 34.53 -9.90 15.62
C GLN A 91 33.06 -10.25 15.79
N GLN A 92 32.32 -9.34 16.42
CA GLN A 92 30.90 -9.53 16.67
C GLN A 92 30.06 -8.33 16.31
N VAL A 93 28.77 -8.59 16.11
CA VAL A 93 27.80 -7.57 15.80
C VAL A 93 26.78 -7.65 16.94
N ILE A 94 26.51 -6.50 17.55
CA ILE A 94 25.57 -6.46 18.67
C ILE A 94 24.21 -5.90 18.27
N LEU A 95 23.18 -6.70 18.50
CA LEU A 95 21.81 -6.33 18.20
C LEU A 95 21.26 -5.42 19.28
N SER A 96 20.10 -4.83 19.01
CA SER A 96 19.46 -3.93 19.96
C SER A 96 18.86 -4.70 21.14
N ASP A 97 18.60 -5.99 20.96
CA ASP A 97 18.04 -6.80 22.05
C ASP A 97 19.14 -7.26 22.99
N GLY A 98 20.38 -7.01 22.60
CA GLY A 98 21.51 -7.42 23.42
C GLY A 98 22.27 -8.58 22.81
N ARG A 99 21.59 -9.37 21.96
CA ARG A 99 22.21 -10.52 21.31
C ARG A 99 23.40 -10.11 20.45
N ALA A 100 24.29 -11.07 20.20
CA ALA A 100 25.48 -10.80 19.39
C ALA A 100 25.68 -11.88 18.34
N LEU A 101 26.13 -11.47 17.17
CA LEU A 101 26.37 -12.40 16.07
C LEU A 101 27.85 -12.39 15.73
N ASP A 102 28.42 -13.57 15.48
CA ASP A 102 29.84 -13.66 15.14
C ASP A 102 30.05 -13.60 13.63
N TYR A 103 31.15 -12.98 13.24
CA TYR A 103 31.45 -12.85 11.82
C TYR A 103 32.93 -12.99 11.50
N ASP A 104 33.20 -13.52 10.31
CA ASP A 104 34.54 -13.69 9.81
C ASP A 104 34.66 -12.58 8.77
N ARG A 105 33.50 -12.21 8.23
CA ARG A 105 33.36 -11.17 7.22
C ARG A 105 32.15 -10.31 7.53
N LEU A 106 32.36 -9.00 7.57
CA LEU A 106 31.27 -8.08 7.85
C LEU A 106 31.08 -7.07 6.72
N VAL A 107 29.84 -6.94 6.25
CA VAL A 107 29.50 -6.01 5.17
C VAL A 107 28.50 -4.96 5.67
N LEU A 108 28.83 -3.68 5.51
CA LEU A 108 27.91 -2.63 5.95
C LEU A 108 27.13 -2.02 4.79
N ALA A 109 25.90 -2.50 4.59
CA ALA A 109 25.02 -2.00 3.53
C ALA A 109 23.93 -1.16 4.17
N THR A 110 24.34 -0.21 5.01
CA THR A 110 23.41 0.63 5.75
C THR A 110 22.68 1.77 5.01
N GLY A 111 23.01 1.99 3.74
CA GLY A 111 22.34 3.05 3.00
C GLY A 111 22.32 4.38 3.72
N GLY A 112 21.23 5.13 3.56
CA GLY A 112 21.13 6.41 4.21
C GLY A 112 19.72 6.69 4.70
N ARG A 113 19.54 7.79 5.44
CA ARG A 113 18.22 8.16 5.95
C ARG A 113 17.87 9.57 5.46
N PRO A 114 16.59 9.85 5.25
CA PRO A 114 16.15 11.18 4.79
C PRO A 114 16.65 12.32 5.67
N ARG A 115 17.19 13.35 5.03
CA ARG A 115 17.67 14.52 5.77
C ARG A 115 16.44 15.25 6.26
N PRO A 116 16.33 15.46 7.58
CA PRO A 116 15.17 16.15 8.15
C PRO A 116 15.09 17.64 7.79
N LEU A 117 13.87 18.09 7.48
CA LEU A 117 13.63 19.49 7.16
C LEU A 117 13.46 20.21 8.51
N PRO A 118 14.43 21.05 8.89
CA PRO A 118 14.40 21.78 10.16
C PRO A 118 13.09 22.46 10.54
N VAL A 119 12.46 23.19 9.63
CA VAL A 119 11.20 23.87 9.97
C VAL A 119 10.02 22.93 10.08
N ALA A 120 10.28 21.62 9.99
CA ALA A 120 9.21 20.63 10.06
C ALA A 120 9.32 19.70 11.26
N SER A 121 10.01 20.15 12.29
CA SER A 121 10.15 19.33 13.49
C SER A 121 8.83 19.22 14.25
N GLY A 122 8.83 18.38 15.28
CA GLY A 122 7.65 18.19 16.10
C GLY A 122 6.38 17.82 15.36
N ALA A 123 5.28 18.42 15.78
CA ALA A 123 3.97 18.17 15.19
C ALA A 123 3.98 18.05 13.68
N VAL A 124 4.64 18.98 12.99
CA VAL A 124 4.66 18.96 11.54
C VAL A 124 5.08 17.60 10.98
N GLY A 125 6.31 17.17 11.30
CA GLY A 125 6.78 15.90 10.81
C GLY A 125 5.84 14.75 11.10
N LYS A 126 5.32 14.71 12.34
CA LYS A 126 4.41 13.66 12.79
C LYS A 126 3.07 13.56 12.03
N ALA A 127 2.63 14.65 11.41
CA ALA A 127 1.37 14.67 10.68
C ALA A 127 1.26 13.58 9.59
N ASN A 128 0.05 13.06 9.42
CA ASN A 128 -0.21 12.03 8.42
C ASN A 128 -0.04 12.50 7.01
N ASN A 129 -0.16 13.81 6.80
CA ASN A 129 -0.03 14.37 5.46
C ASN A 129 1.29 15.09 5.20
N PHE A 130 2.29 14.74 5.98
CA PHE A 130 3.62 15.28 5.79
C PHE A 130 4.55 14.07 5.80
N ARG A 131 5.13 13.75 4.65
CA ARG A 131 6.00 12.59 4.56
C ARG A 131 7.27 12.81 3.74
N TYR A 132 8.24 11.94 3.98
CA TYR A 132 9.48 11.90 3.24
C TYR A 132 9.29 10.64 2.42
N LEU A 133 10.06 10.44 1.36
CA LEU A 133 9.87 9.25 0.54
C LEU A 133 11.11 8.38 0.52
N ARG A 134 11.11 7.30 1.29
CA ARG A 134 12.26 6.40 1.32
C ARG A 134 11.86 4.96 1.62
N THR A 135 10.81 4.77 2.40
CA THR A 135 10.37 3.42 2.76
C THR A 135 9.07 3.02 2.10
N LEU A 136 8.81 1.71 2.11
CA LEU A 136 7.59 1.17 1.52
C LEU A 136 6.39 1.86 2.15
N GLU A 137 6.46 2.03 3.46
CA GLU A 137 5.41 2.70 4.23
C GLU A 137 5.25 4.15 3.75
N ASP A 138 6.36 4.84 3.57
CA ASP A 138 6.29 6.22 3.09
C ASP A 138 5.48 6.27 1.79
N ALA A 139 5.80 5.35 0.89
CA ALA A 139 5.16 5.30 -0.41
C ALA A 139 3.66 5.05 -0.37
N GLU A 140 3.24 4.05 0.39
CA GLU A 140 1.82 3.73 0.48
C GLU A 140 1.04 4.85 1.17
N CYS A 141 1.65 5.47 2.18
CA CYS A 141 1.00 6.56 2.88
C CYS A 141 0.74 7.74 1.93
N ILE A 142 1.69 8.00 1.05
CA ILE A 142 1.55 9.10 0.10
C ILE A 142 0.59 8.72 -1.01
N ARG A 143 0.67 7.47 -1.45
CA ARG A 143 -0.18 6.96 -2.52
C ARG A 143 -1.65 7.04 -2.10
N ARG A 144 -1.96 6.66 -0.86
CA ARG A 144 -3.34 6.72 -0.37
C ARG A 144 -3.84 8.16 -0.44
N GLN A 145 -2.91 9.12 -0.44
CA GLN A 145 -3.29 10.52 -0.49
C GLN A 145 -3.12 11.24 -1.83
N LEU A 146 -2.73 10.52 -2.88
CA LEU A 146 -2.61 11.18 -4.19
C LEU A 146 -4.03 11.33 -4.73
N ILE A 147 -4.75 12.31 -4.20
CA ILE A 147 -6.14 12.53 -4.57
C ILE A 147 -6.40 13.71 -5.50
N ALA A 148 -7.14 13.44 -6.57
CA ALA A 148 -7.49 14.46 -7.55
C ALA A 148 -8.01 15.76 -6.91
N ASP A 149 -7.61 16.88 -7.49
CA ASP A 149 -8.01 18.21 -7.03
C ASP A 149 -7.52 18.59 -5.63
N ASN A 150 -6.84 17.69 -4.95
CA ASN A 150 -6.30 18.01 -3.64
C ASN A 150 -5.01 18.79 -3.92
N ARG A 151 -4.54 19.54 -2.93
CA ARG A 151 -3.34 20.33 -3.15
C ARG A 151 -2.08 19.72 -2.52
N LEU A 152 -1.05 19.57 -3.35
CA LEU A 152 0.22 19.01 -2.91
C LEU A 152 1.37 20.00 -3.05
N VAL A 153 2.22 20.04 -2.02
CA VAL A 153 3.40 20.89 -2.07
C VAL A 153 4.58 19.96 -1.88
N VAL A 154 5.45 19.90 -2.87
CA VAL A 154 6.65 19.08 -2.81
C VAL A 154 7.76 20.04 -2.44
N ILE A 155 8.45 19.73 -1.36
CA ILE A 155 9.55 20.58 -0.92
C ILE A 155 10.84 19.86 -1.29
N GLY A 156 11.47 20.33 -2.36
CA GLY A 156 12.70 19.72 -2.82
C GLY A 156 12.62 19.48 -4.32
N GLY A 157 13.65 19.91 -5.04
CA GLY A 157 13.65 19.73 -6.49
C GLY A 157 14.69 18.77 -7.02
N GLY A 158 14.81 17.61 -6.37
CA GLY A 158 15.74 16.58 -6.81
C GLY A 158 14.95 15.64 -7.71
N TYR A 159 15.61 14.67 -8.32
CA TYR A 159 14.92 13.76 -9.23
C TYR A 159 13.70 13.09 -8.61
N ILE A 160 13.82 12.61 -7.38
CA ILE A 160 12.66 11.98 -6.75
C ILE A 160 11.57 13.05 -6.64
N GLY A 161 11.96 14.24 -6.20
CA GLY A 161 11.00 15.31 -6.08
C GLY A 161 10.25 15.51 -7.39
N LEU A 162 11.00 15.51 -8.49
CA LEU A 162 10.40 15.68 -9.79
C LEU A 162 9.55 14.49 -10.17
N GLU A 163 10.00 13.28 -9.82
CA GLU A 163 9.23 12.09 -10.15
C GLU A 163 7.91 12.09 -9.38
N VAL A 164 7.95 12.51 -8.12
CA VAL A 164 6.74 12.59 -7.32
C VAL A 164 5.78 13.60 -7.96
N ALA A 165 6.26 14.82 -8.19
CA ALA A 165 5.44 15.86 -8.79
C ALA A 165 4.80 15.36 -10.10
N ALA A 166 5.55 14.57 -10.86
CA ALA A 166 5.04 14.04 -12.12
C ALA A 166 3.90 13.03 -11.89
N THR A 167 4.03 12.22 -10.84
CA THR A 167 3.02 11.23 -10.51
C THR A 167 1.78 11.89 -9.92
N ALA A 168 1.98 12.89 -9.05
CA ALA A 168 0.85 13.58 -8.45
C ALA A 168 0.08 14.31 -9.52
N ILE A 169 0.80 14.87 -10.49
CA ILE A 169 0.18 15.59 -11.59
C ILE A 169 -0.67 14.63 -12.42
N LYS A 170 -0.13 13.44 -12.66
CA LYS A 170 -0.85 12.45 -13.44
C LYS A 170 -2.12 12.09 -12.67
N ALA A 171 -2.03 12.09 -11.35
CA ALA A 171 -3.16 11.78 -10.50
C ALA A 171 -4.12 12.97 -10.36
N ASN A 172 -3.91 14.00 -11.18
CA ASN A 172 -4.74 15.20 -11.19
C ASN A 172 -4.80 16.03 -9.91
N MET A 173 -3.69 16.08 -9.17
CA MET A 173 -3.64 16.88 -7.95
C MET A 173 -3.19 18.28 -8.35
N HIS A 174 -3.39 19.25 -7.46
CA HIS A 174 -2.91 20.60 -7.72
C HIS A 174 -1.51 20.52 -7.15
N VAL A 175 -0.51 20.57 -8.01
CA VAL A 175 0.87 20.43 -7.55
C VAL A 175 1.74 21.69 -7.62
N THR A 176 2.48 21.93 -6.55
CA THR A 176 3.41 23.05 -6.42
C THR A 176 4.72 22.46 -5.88
N LEU A 177 5.83 22.77 -6.54
CA LEU A 177 7.13 22.26 -6.10
C LEU A 177 8.04 23.41 -5.73
N LEU A 178 8.64 23.31 -4.56
CA LEU A 178 9.53 24.35 -4.06
C LEU A 178 11.00 23.96 -4.02
N ASP A 179 11.86 24.85 -4.51
CA ASP A 179 13.29 24.62 -4.48
C ASP A 179 13.98 25.91 -4.06
N THR A 180 14.95 25.78 -3.16
CA THR A 180 15.69 26.93 -2.69
C THR A 180 16.65 27.38 -3.77
N ALA A 181 17.18 26.41 -4.51
CA ALA A 181 18.13 26.68 -5.59
C ALA A 181 17.54 27.64 -6.61
N ALA A 182 18.42 28.28 -7.37
CA ALA A 182 18.00 29.23 -8.39
C ALA A 182 17.29 28.55 -9.54
N ARG A 183 17.51 27.25 -9.68
CA ARG A 183 16.90 26.45 -10.74
C ARG A 183 16.91 25.00 -10.28
N VAL A 184 15.96 24.20 -10.77
CA VAL A 184 15.90 22.80 -10.35
C VAL A 184 17.15 22.03 -10.76
N LEU A 185 17.59 21.11 -9.90
CA LEU A 185 18.78 20.30 -10.19
C LEU A 185 19.98 21.19 -10.50
N GLU A 186 20.08 22.32 -9.80
CA GLU A 186 21.16 23.27 -10.02
C GLU A 186 22.58 22.71 -9.97
N ARG A 187 22.87 21.91 -8.95
CA ARG A 187 24.21 21.35 -8.78
C ARG A 187 24.63 20.27 -9.76
N VAL A 188 23.68 19.50 -10.30
CA VAL A 188 24.03 18.42 -11.21
C VAL A 188 23.78 18.61 -12.70
N THR A 189 23.21 19.74 -13.10
CA THR A 189 22.96 19.96 -14.51
C THR A 189 23.28 21.36 -14.93
N ALA A 190 23.27 21.61 -16.24
CA ALA A 190 23.55 22.93 -16.77
C ALA A 190 22.25 23.70 -16.90
N PRO A 191 22.31 25.03 -16.80
CA PRO A 191 21.12 25.88 -16.91
C PRO A 191 20.09 25.43 -17.96
N PRO A 192 20.53 25.26 -19.22
CA PRO A 192 19.58 24.84 -20.25
C PRO A 192 18.89 23.51 -19.96
N VAL A 193 19.51 22.66 -19.12
CA VAL A 193 18.90 21.39 -18.76
C VAL A 193 17.81 21.66 -17.72
N SER A 194 18.14 22.51 -16.75
CA SER A 194 17.19 22.88 -15.71
C SER A 194 15.99 23.56 -16.35
N ALA A 195 16.23 24.28 -17.43
CA ALA A 195 15.18 24.98 -18.15
C ALA A 195 14.24 23.97 -18.81
N PHE A 196 14.81 22.84 -19.24
CA PHE A 196 14.03 21.80 -19.88
C PHE A 196 13.05 21.18 -18.87
N TYR A 197 13.54 20.87 -17.67
CA TYR A 197 12.71 20.26 -16.63
C TYR A 197 11.63 21.21 -16.12
N GLU A 198 12.03 22.44 -15.84
CA GLU A 198 11.10 23.44 -15.35
C GLU A 198 9.98 23.69 -16.36
N HIS A 199 10.31 23.67 -17.65
CA HIS A 199 9.30 23.89 -18.67
C HIS A 199 8.45 22.62 -18.88
N LEU A 200 9.10 21.47 -18.72
CA LEU A 200 8.45 20.17 -18.87
C LEU A 200 7.32 20.06 -17.84
N HIS A 201 7.69 20.28 -16.58
CA HIS A 201 6.77 20.21 -15.46
C HIS A 201 5.76 21.35 -15.43
N ARG A 202 6.21 22.57 -15.67
CA ARG A 202 5.29 23.70 -15.68
C ARG A 202 4.25 23.41 -16.75
N GLU A 203 4.72 23.02 -17.93
CA GLU A 203 3.84 22.70 -19.04
C GLU A 203 2.80 21.66 -18.59
N ALA A 204 3.27 20.65 -17.86
CA ALA A 204 2.42 19.56 -17.37
C ALA A 204 1.41 20.02 -16.33
N GLY A 205 1.65 21.19 -15.74
CA GLY A 205 0.74 21.70 -14.74
C GLY A 205 1.37 22.02 -13.39
N VAL A 206 2.60 21.58 -13.16
CA VAL A 206 3.25 21.85 -11.89
C VAL A 206 3.65 23.31 -11.81
N ASP A 207 3.46 23.91 -10.64
CA ASP A 207 3.87 25.29 -10.44
C ASP A 207 5.18 25.20 -9.66
N ILE A 208 6.29 25.46 -10.35
CA ILE A 208 7.60 25.39 -9.72
C ILE A 208 8.05 26.77 -9.23
N ARG A 209 8.43 26.84 -7.96
CA ARG A 209 8.89 28.08 -7.35
C ARG A 209 10.34 27.89 -6.90
N THR A 210 11.27 28.39 -7.70
CA THR A 210 12.69 28.26 -7.37
C THR A 210 13.12 29.42 -6.49
N GLY A 211 14.25 29.25 -5.81
CA GLY A 211 14.72 30.31 -4.93
C GLY A 211 13.62 30.62 -3.94
N THR A 212 12.99 29.57 -3.42
CA THR A 212 11.92 29.70 -2.45
C THR A 212 12.28 28.91 -1.20
N GLN A 213 12.06 29.52 -0.03
CA GLN A 213 12.39 28.84 1.22
C GLN A 213 11.17 28.70 2.13
N VAL A 214 11.04 27.53 2.77
CA VAL A 214 9.91 27.25 3.65
C VAL A 214 10.21 27.68 5.08
N CYS A 215 9.52 28.72 5.55
CA CYS A 215 9.73 29.21 6.90
C CYS A 215 8.94 28.43 7.93
N GLY A 216 7.81 27.85 7.51
CA GLY A 216 7.00 27.08 8.44
C GLY A 216 5.70 26.56 7.85
N PHE A 217 4.84 26.01 8.71
CA PHE A 217 3.55 25.47 8.25
C PHE A 217 2.40 25.85 9.19
N GLU A 218 1.17 25.69 8.71
CA GLU A 218 -0.01 25.94 9.53
C GLU A 218 -0.60 24.53 9.74
N MET A 219 -1.25 24.31 10.89
CA MET A 219 -1.82 23.00 11.16
C MET A 219 -3.20 23.05 11.80
N SER A 220 -3.92 21.93 11.73
CA SER A 220 -5.25 21.85 12.33
C SER A 220 -5.08 21.28 13.73
N THR A 221 -5.71 21.90 14.72
CA THR A 221 -5.56 21.46 16.10
C THR A 221 -6.05 20.04 16.40
N ASP A 222 -7.14 19.65 15.74
CA ASP A 222 -7.73 18.31 15.91
C ASP A 222 -6.91 17.21 15.24
N GLN A 223 -7.07 17.09 13.92
CA GLN A 223 -6.38 16.10 13.11
C GLN A 223 -4.87 16.18 13.24
N GLN A 224 -4.37 17.36 13.58
CA GLN A 224 -2.93 17.54 13.69
C GLN A 224 -2.32 17.30 12.31
N LYS A 225 -2.96 17.88 11.29
CA LYS A 225 -2.51 17.78 9.91
C LYS A 225 -2.06 19.13 9.38
N VAL A 226 -1.14 19.11 8.41
CA VAL A 226 -0.66 20.34 7.82
C VAL A 226 -1.80 20.86 6.98
N THR A 227 -2.00 22.18 6.99
CA THR A 227 -3.06 22.79 6.22
C THR A 227 -2.46 23.78 5.24
N ALA A 228 -1.23 24.21 5.50
CA ALA A 228 -0.56 25.16 4.62
C ALA A 228 0.97 25.20 4.80
N VAL A 229 1.65 25.66 3.75
CA VAL A 229 3.09 25.78 3.76
C VAL A 229 3.39 27.26 3.61
N LEU A 230 4.19 27.80 4.52
CA LEU A 230 4.54 29.22 4.48
C LEU A 230 5.95 29.42 3.98
N CYS A 231 6.09 30.34 3.02
CA CYS A 231 7.39 30.65 2.48
C CYS A 231 7.97 31.86 3.18
N GLU A 232 9.29 31.96 3.15
CA GLU A 232 10.01 33.06 3.76
C GLU A 232 9.53 34.41 3.21
N ASP A 233 9.18 34.43 1.94
CA ASP A 233 8.71 35.65 1.29
C ASP A 233 7.28 35.97 1.71
N GLY A 234 6.74 35.18 2.62
CA GLY A 234 5.38 35.41 3.11
C GLY A 234 4.25 34.74 2.36
N THR A 235 4.56 34.12 1.23
CA THR A 235 3.53 33.44 0.44
C THR A 235 2.96 32.23 1.17
N ARG A 236 1.64 32.10 1.17
CA ARG A 236 1.00 30.97 1.83
C ARG A 236 0.51 29.94 0.82
N LEU A 237 0.99 28.71 0.96
CA LEU A 237 0.59 27.65 0.06
C LEU A 237 -0.33 26.68 0.80
N PRO A 238 -1.63 26.70 0.49
CA PRO A 238 -2.56 25.78 1.17
C PRO A 238 -2.18 24.38 0.72
N ALA A 239 -2.08 23.44 1.66
CA ALA A 239 -1.68 22.07 1.30
C ALA A 239 -2.46 20.96 2.00
N ASP A 240 -2.79 19.92 1.24
CA ASP A 240 -3.50 18.75 1.77
C ASP A 240 -2.46 17.68 2.04
N LEU A 241 -1.35 17.78 1.31
CA LEU A 241 -0.27 16.82 1.41
C LEU A 241 1.07 17.52 1.18
N VAL A 242 2.06 17.16 1.99
CA VAL A 242 3.39 17.75 1.86
C VAL A 242 4.43 16.64 1.83
N ILE A 243 5.18 16.58 0.73
CA ILE A 243 6.23 15.57 0.56
C ILE A 243 7.59 16.25 0.56
N ALA A 244 8.35 16.02 1.62
CA ALA A 244 9.66 16.64 1.76
C ALA A 244 10.81 15.76 1.34
N GLY A 245 11.76 16.37 0.63
CA GLY A 245 12.93 15.66 0.17
C GLY A 245 14.04 16.66 -0.05
N ILE A 246 14.92 16.80 0.94
CA ILE A 246 16.04 17.73 0.84
C ILE A 246 17.38 16.99 0.95
N GLY A 247 17.41 15.75 0.48
CA GLY A 247 18.65 15.00 0.51
C GLY A 247 18.67 13.76 1.37
N LEU A 248 19.82 13.08 1.36
CA LEU A 248 19.99 11.85 2.11
C LEU A 248 21.23 11.90 3.01
N ILE A 249 21.11 11.33 4.19
CA ILE A 249 22.20 11.29 5.14
C ILE A 249 22.69 9.85 5.20
N PRO A 250 23.96 9.61 4.81
CA PRO A 250 24.45 8.24 4.86
C PRO A 250 24.50 7.75 6.31
N ASN A 251 24.04 6.51 6.52
CA ASN A 251 24.04 5.93 7.86
C ASN A 251 25.46 5.42 8.19
N CYS A 252 26.25 6.28 8.82
CA CYS A 252 27.64 5.96 9.17
C CYS A 252 27.89 5.74 10.66
N GLU A 253 26.90 6.05 11.48
CA GLU A 253 27.05 5.92 12.93
C GLU A 253 27.77 4.64 13.36
N LEU A 254 27.34 3.49 12.84
CA LEU A 254 27.95 2.22 13.22
C LEU A 254 29.46 2.15 13.05
N ALA A 255 29.95 2.54 11.86
CA ALA A 255 31.37 2.53 11.59
C ALA A 255 32.06 3.66 12.35
N SER A 256 31.36 4.78 12.47
CA SER A 256 31.89 5.93 13.17
C SER A 256 32.27 5.57 14.61
N ALA A 257 31.35 4.93 15.32
CA ALA A 257 31.58 4.54 16.71
C ALA A 257 32.50 3.33 16.85
N ALA A 258 32.82 2.69 15.73
CA ALA A 258 33.70 1.52 15.75
C ALA A 258 35.12 1.89 15.34
N GLY A 259 35.40 3.18 15.31
CA GLY A 259 36.73 3.64 14.96
C GLY A 259 37.11 3.54 13.48
N LEU A 260 36.14 3.25 12.62
CA LEU A 260 36.40 3.14 11.19
C LEU A 260 36.36 4.54 10.58
N GLN A 261 37.13 4.75 9.53
CA GLN A 261 37.17 6.07 8.89
C GLN A 261 35.84 6.44 8.28
N VAL A 262 35.40 7.67 8.53
CA VAL A 262 34.13 8.15 8.02
C VAL A 262 34.29 9.58 7.50
N ASP A 263 33.68 9.85 6.35
CA ASP A 263 33.73 11.17 5.74
C ASP A 263 32.55 11.26 4.78
N ASN A 264 31.43 11.78 5.27
CA ASN A 264 30.21 11.86 4.46
C ASN A 264 30.03 10.49 3.83
N GLY A 265 30.06 9.46 4.67
CA GLY A 265 29.93 8.10 4.20
C GLY A 265 31.04 7.27 4.78
N ILE A 266 30.91 5.95 4.68
CA ILE A 266 31.91 5.04 5.19
C ILE A 266 33.00 4.88 4.12
N VAL A 267 34.24 5.15 4.49
CA VAL A 267 35.34 5.07 3.54
C VAL A 267 35.83 3.66 3.26
N ILE A 268 35.95 3.33 1.98
CA ILE A 268 36.42 2.01 1.56
C ILE A 268 37.53 2.15 0.52
N ASN A 269 38.39 1.12 0.44
CA ASN A 269 39.49 1.13 -0.51
C ASN A 269 39.13 0.37 -1.78
N GLU A 270 40.12 0.19 -2.66
CA GLU A 270 39.89 -0.53 -3.91
C GLU A 270 39.33 -1.92 -3.72
N HIS A 271 39.40 -2.43 -2.50
CA HIS A 271 38.88 -3.76 -2.23
C HIS A 271 37.62 -3.71 -1.39
N MET A 272 37.00 -2.53 -1.37
CA MET A 272 35.75 -2.32 -0.65
C MET A 272 35.96 -2.44 0.85
N GLN A 273 37.22 -2.40 1.28
CA GLN A 273 37.53 -2.50 2.70
C GLN A 273 37.48 -1.19 3.44
N THR A 274 37.02 -1.23 4.68
CA THR A 274 36.96 -0.04 5.51
C THR A 274 38.28 -0.06 6.26
N SER A 275 38.44 0.86 7.21
CA SER A 275 39.66 0.93 8.00
C SER A 275 40.02 -0.46 8.51
N ASP A 276 38.99 -1.25 8.82
CA ASP A 276 39.15 -2.62 9.31
C ASP A 276 39.05 -3.55 8.09
N PRO A 277 40.06 -4.43 7.91
CA PRO A 277 40.15 -5.40 6.82
C PRO A 277 39.00 -6.39 6.69
N LEU A 278 38.45 -6.81 7.83
CA LEU A 278 37.35 -7.77 7.84
C LEU A 278 35.99 -7.09 7.63
N ILE A 279 35.98 -5.76 7.53
CA ILE A 279 34.74 -5.02 7.34
C ILE A 279 34.70 -4.22 6.04
N MET A 280 33.71 -4.52 5.21
CA MET A 280 33.52 -3.83 3.95
C MET A 280 32.25 -2.99 4.00
N ALA A 281 32.17 -1.97 3.15
CA ALA A 281 30.99 -1.12 3.07
C ALA A 281 30.53 -1.15 1.62
N VAL A 282 29.25 -0.88 1.37
CA VAL A 282 28.69 -0.92 0.02
C VAL A 282 27.40 -0.12 -0.09
N GLY A 283 27.12 0.39 -1.29
CA GLY A 283 25.90 1.14 -1.54
C GLY A 283 25.92 2.64 -1.23
N ASP A 284 24.74 3.17 -0.94
CA ASP A 284 24.56 4.60 -0.63
C ASP A 284 25.44 5.10 0.50
N CYS A 285 25.86 4.20 1.39
CA CYS A 285 26.68 4.59 2.54
C CYS A 285 28.16 4.70 2.25
N ALA A 286 28.61 3.98 1.22
CA ALA A 286 30.02 3.94 0.86
C ALA A 286 30.64 5.11 0.08
N ARG A 287 31.74 5.63 0.63
CA ARG A 287 32.50 6.70 -0.01
C ARG A 287 33.76 5.99 -0.52
N PHE A 288 33.92 5.98 -1.85
CA PHE A 288 35.04 5.31 -2.49
C PHE A 288 35.78 6.24 -3.44
N HIS A 289 36.94 5.78 -3.90
CA HIS A 289 37.74 6.56 -4.81
C HIS A 289 37.48 6.17 -6.26
N SER A 290 37.10 7.15 -7.06
CA SER A 290 36.83 6.94 -8.48
C SER A 290 38.13 7.14 -9.23
N GLN A 291 38.66 6.09 -9.83
CA GLN A 291 39.90 6.22 -10.57
C GLN A 291 39.59 6.95 -11.87
N LEU A 292 38.34 6.82 -12.32
CA LEU A 292 37.90 7.47 -13.54
C LEU A 292 37.93 8.99 -13.40
N TYR A 293 37.56 9.50 -12.23
CA TYR A 293 37.55 10.94 -11.99
C TYR A 293 38.62 11.34 -10.99
N ASP A 294 39.36 10.35 -10.50
CA ASP A 294 40.43 10.57 -9.54
C ASP A 294 40.00 11.42 -8.35
N ARG A 295 38.97 10.97 -7.64
CA ARG A 295 38.48 11.67 -6.46
C ARG A 295 37.54 10.79 -5.65
N TRP A 296 37.29 11.17 -4.41
CA TRP A 296 36.42 10.40 -3.54
C TRP A 296 34.97 10.83 -3.71
N VAL A 297 34.12 9.85 -3.95
CA VAL A 297 32.71 10.12 -4.15
C VAL A 297 31.85 9.16 -3.36
N ARG A 298 30.54 9.41 -3.37
CA ARG A 298 29.57 8.58 -2.70
C ARG A 298 28.36 8.62 -3.64
N ILE A 299 28.07 7.51 -4.28
CA ILE A 299 26.96 7.47 -5.22
C ILE A 299 25.70 6.87 -4.62
N GLU A 300 24.55 7.49 -4.91
CA GLU A 300 23.28 6.99 -4.41
C GLU A 300 22.48 6.58 -5.64
N SER A 301 22.69 5.35 -6.11
CA SER A 301 21.97 4.85 -7.27
C SER A 301 21.91 3.34 -7.28
N VAL A 302 20.98 2.80 -8.07
CA VAL A 302 20.85 1.36 -8.19
C VAL A 302 22.06 0.76 -8.90
N PRO A 303 22.44 1.33 -10.06
CA PRO A 303 23.60 0.77 -10.75
C PRO A 303 24.85 0.78 -9.86
N ASN A 304 24.96 1.79 -9.00
CA ASN A 304 26.11 1.88 -8.14
C ASN A 304 26.09 0.77 -7.11
N ALA A 305 24.89 0.44 -6.63
CA ALA A 305 24.73 -0.60 -5.63
C ALA A 305 25.07 -1.97 -6.24
N LEU A 306 24.53 -2.25 -7.43
CA LEU A 306 24.78 -3.52 -8.11
C LEU A 306 26.26 -3.70 -8.43
N GLU A 307 26.88 -2.63 -8.94
CA GLU A 307 28.30 -2.68 -9.28
C GLU A 307 29.12 -2.97 -8.03
N GLN A 308 28.93 -2.17 -6.98
CA GLN A 308 29.66 -2.38 -5.73
C GLN A 308 29.36 -3.73 -5.11
N ALA A 309 28.09 -4.11 -5.09
CA ALA A 309 27.70 -5.38 -4.50
C ALA A 309 28.45 -6.53 -5.16
N ARG A 310 28.33 -6.62 -6.48
CA ARG A 310 28.98 -7.67 -7.24
C ARG A 310 30.49 -7.71 -7.01
N LYS A 311 31.11 -6.54 -6.95
CA LYS A 311 32.53 -6.46 -6.73
C LYS A 311 32.86 -7.13 -5.39
N ILE A 312 32.05 -6.83 -4.38
CA ILE A 312 32.27 -7.41 -3.06
C ILE A 312 32.17 -8.93 -3.10
N ALA A 313 31.17 -9.43 -3.83
CA ALA A 313 30.96 -10.86 -3.93
C ALA A 313 32.14 -11.54 -4.62
N ALA A 314 32.67 -10.92 -5.66
CA ALA A 314 33.82 -11.48 -6.37
C ALA A 314 35.02 -11.61 -5.44
N ILE A 315 35.38 -10.50 -4.81
CA ILE A 315 36.51 -10.46 -3.89
C ILE A 315 36.42 -11.54 -2.81
N LEU A 316 35.35 -11.53 -2.02
CA LEU A 316 35.19 -12.51 -0.95
C LEU A 316 35.14 -13.95 -1.45
N CYS A 317 34.98 -14.12 -2.75
CA CYS A 317 34.94 -15.47 -3.33
C CYS A 317 36.22 -15.75 -4.09
N GLY A 318 37.26 -14.99 -3.78
CA GLY A 318 38.54 -15.18 -4.43
C GLY A 318 38.50 -15.00 -5.94
N LYS A 319 37.45 -14.36 -6.44
CA LYS A 319 37.30 -14.13 -7.86
C LYS A 319 37.77 -12.72 -8.23
N VAL A 320 37.86 -12.43 -9.52
CA VAL A 320 38.33 -11.12 -9.96
C VAL A 320 37.17 -10.18 -10.30
N PRO A 321 37.17 -8.98 -9.69
CA PRO A 321 36.16 -7.93 -9.85
C PRO A 321 36.20 -7.28 -11.22
N ARG A 322 35.04 -6.83 -11.70
CA ARG A 322 34.96 -6.16 -12.99
C ARG A 322 35.62 -4.80 -12.87
N ASP A 323 36.19 -4.31 -13.97
CA ASP A 323 36.85 -3.00 -13.96
C ASP A 323 35.85 -1.89 -13.68
N GLU A 324 36.31 -0.86 -12.97
CA GLU A 324 35.45 0.27 -12.65
C GLU A 324 34.68 0.69 -13.91
N ALA A 325 33.39 0.94 -13.75
CA ALA A 325 32.55 1.34 -14.87
C ALA A 325 32.03 2.75 -14.62
N ALA A 326 31.82 3.49 -15.69
CA ALA A 326 31.31 4.85 -15.56
C ALA A 326 30.02 4.80 -14.75
N PRO A 327 29.87 5.70 -13.77
CA PRO A 327 28.64 5.68 -12.98
C PRO A 327 27.45 6.15 -13.82
N TRP A 328 26.26 5.67 -13.48
CA TRP A 328 25.06 6.08 -14.18
C TRP A 328 23.81 5.78 -13.35
N PHE A 329 22.71 6.43 -13.72
CA PHE A 329 21.44 6.23 -13.05
C PHE A 329 20.36 6.73 -13.99
N TRP A 330 19.10 6.57 -13.62
CA TRP A 330 18.03 7.01 -14.49
C TRP A 330 16.90 7.64 -13.70
N SER A 331 16.01 8.28 -14.44
CA SER A 331 14.83 8.92 -13.87
C SER A 331 13.72 8.76 -14.89
N ASP A 332 12.51 8.57 -14.40
CA ASP A 332 11.36 8.39 -15.26
C ASP A 332 10.38 9.48 -14.86
N GLN A 333 10.09 10.36 -15.79
CA GLN A 333 9.16 11.46 -15.55
C GLN A 333 8.27 11.65 -16.78
N TYR A 334 6.96 11.57 -16.57
CA TYR A 334 6.01 11.73 -17.67
C TYR A 334 6.36 10.79 -18.82
N GLU A 335 6.77 9.57 -18.49
CA GLU A 335 7.12 8.57 -19.50
C GLU A 335 8.34 8.94 -20.34
N ILE A 336 9.06 9.98 -19.92
CA ILE A 336 10.26 10.38 -20.64
C ILE A 336 11.43 9.57 -20.08
N GLY A 337 12.16 8.90 -20.97
CA GLY A 337 13.29 8.11 -20.54
C GLY A 337 14.54 8.95 -20.35
N LEU A 338 14.91 9.17 -19.10
CA LEU A 338 16.07 9.98 -18.75
C LEU A 338 17.16 9.07 -18.20
N LYS A 339 18.35 9.17 -18.78
CA LYS A 339 19.47 8.35 -18.33
C LYS A 339 20.71 9.24 -18.30
N MET A 340 21.40 9.21 -17.19
CA MET A 340 22.59 10.02 -17.03
C MET A 340 23.80 9.16 -16.73
N VAL A 341 24.92 9.50 -17.35
CA VAL A 341 26.17 8.76 -17.19
C VAL A 341 27.30 9.74 -16.87
N GLY A 342 28.18 9.32 -15.96
CA GLY A 342 29.30 10.16 -15.56
C GLY A 342 28.94 11.15 -14.48
N LEU A 343 29.91 11.98 -14.10
CA LEU A 343 29.67 13.00 -13.08
C LEU A 343 30.03 14.33 -13.72
N SER A 344 29.10 15.27 -13.73
CA SER A 344 29.31 16.57 -14.35
C SER A 344 30.17 17.60 -13.61
N GLU A 345 30.60 17.29 -12.39
CA GLU A 345 31.37 18.25 -11.60
C GLU A 345 32.65 18.78 -12.25
N GLY A 346 32.70 20.11 -12.41
CA GLY A 346 33.85 20.77 -12.99
C GLY A 346 33.83 21.02 -14.48
N TYR A 347 32.65 20.94 -15.08
CA TYR A 347 32.52 21.13 -16.51
C TYR A 347 32.69 22.59 -16.96
N ASP A 348 33.41 22.79 -18.06
CA ASP A 348 33.69 24.11 -18.65
C ASP A 348 32.55 24.57 -19.52
N ARG A 349 32.05 23.65 -20.35
CA ARG A 349 30.96 23.94 -21.25
C ARG A 349 30.15 22.69 -21.52
N ILE A 350 28.99 22.88 -22.14
CA ILE A 350 28.13 21.78 -22.47
C ILE A 350 27.78 21.86 -23.94
N ILE A 351 27.53 20.70 -24.55
CA ILE A 351 27.17 20.67 -25.96
C ILE A 351 25.88 19.90 -26.05
N VAL A 352 24.89 20.49 -26.71
CA VAL A 352 23.58 19.87 -26.86
C VAL A 352 23.41 19.25 -28.22
N ARG A 353 23.27 17.93 -28.24
CA ARG A 353 23.08 17.19 -29.48
C ARG A 353 21.58 16.97 -29.63
N GLY A 354 20.93 17.88 -30.35
CA GLY A 354 19.49 17.79 -30.55
C GLY A 354 18.85 19.09 -30.10
N SER A 355 17.53 19.17 -30.18
CA SER A 355 16.82 20.37 -29.76
C SER A 355 16.28 20.20 -28.35
N LEU A 356 16.40 21.26 -27.55
CA LEU A 356 15.90 21.26 -26.18
C LEU A 356 14.38 21.53 -26.16
N ALA A 357 13.81 21.74 -27.34
CA ALA A 357 12.38 22.01 -27.47
C ALA A 357 11.60 20.71 -27.68
N GLN A 358 12.17 19.62 -27.17
CA GLN A 358 11.54 18.32 -27.31
C GLN A 358 12.35 17.29 -26.51
N PRO A 359 11.67 16.28 -25.94
CA PRO A 359 12.34 15.25 -25.16
C PRO A 359 13.01 14.30 -26.13
N ASP A 360 14.13 14.77 -26.68
CA ASP A 360 14.87 13.99 -27.64
C ASP A 360 16.18 14.71 -27.90
N PHE A 361 17.15 14.47 -27.03
CA PHE A 361 18.46 15.10 -27.14
C PHE A 361 19.41 14.55 -26.10
N SER A 362 20.68 14.91 -26.24
CA SER A 362 21.72 14.51 -25.30
C SER A 362 22.54 15.74 -24.97
N VAL A 363 22.99 15.84 -23.73
CA VAL A 363 23.78 16.97 -23.32
C VAL A 363 25.12 16.48 -22.80
N PHE A 364 26.18 16.79 -23.54
CA PHE A 364 27.52 16.40 -23.18
C PHE A 364 28.15 17.46 -22.29
N TYR A 365 28.68 17.03 -21.14
CA TYR A 365 29.31 17.94 -20.21
C TYR A 365 30.82 17.83 -20.39
N LEU A 366 31.45 18.93 -20.77
CA LEU A 366 32.90 18.91 -20.99
C LEU A 366 33.73 19.85 -20.14
N GLN A 367 34.91 19.37 -19.79
CA GLN A 367 35.88 20.15 -19.05
C GLN A 367 37.03 20.16 -20.04
N GLY A 368 37.09 21.20 -20.86
CA GLY A 368 38.13 21.29 -21.87
C GLY A 368 37.61 20.51 -23.06
N ASP A 369 38.26 19.40 -23.39
CA ASP A 369 37.82 18.59 -24.51
C ASP A 369 37.40 17.23 -24.00
N ARG A 370 37.56 17.02 -22.70
CA ARG A 370 37.20 15.77 -22.08
C ARG A 370 35.72 15.76 -21.71
N VAL A 371 35.05 14.65 -22.01
CA VAL A 371 33.63 14.50 -21.70
C VAL A 371 33.49 13.92 -20.31
N LEU A 372 32.89 14.70 -19.41
CA LEU A 372 32.70 14.27 -18.03
C LEU A 372 31.47 13.41 -17.85
N ALA A 373 30.37 13.87 -18.43
CA ALA A 373 29.11 13.15 -18.30
C ALA A 373 28.19 13.48 -19.44
N VAL A 374 27.11 12.71 -19.54
CA VAL A 374 26.12 12.92 -20.58
C VAL A 374 24.75 12.60 -20.02
N ASP A 375 23.81 13.52 -20.20
CA ASP A 375 22.44 13.34 -19.75
C ASP A 375 21.68 13.11 -21.05
N THR A 376 21.05 11.96 -21.20
CA THR A 376 20.30 11.69 -22.42
C THR A 376 18.82 11.65 -22.15
N VAL A 377 18.04 12.21 -23.08
CA VAL A 377 16.58 12.25 -22.94
C VAL A 377 15.94 11.50 -24.11
N ASN A 378 15.50 10.28 -23.85
CA ASN A 378 14.88 9.44 -24.87
C ASN A 378 15.89 9.02 -25.93
N ARG A 379 17.12 8.78 -25.51
CA ARG A 379 18.16 8.34 -26.42
C ARG A 379 18.94 7.21 -25.77
N PRO A 380 18.36 6.00 -25.76
CA PRO A 380 19.04 4.85 -25.15
C PRO A 380 20.33 4.44 -25.88
N VAL A 381 20.34 4.53 -27.20
CA VAL A 381 21.55 4.15 -27.92
C VAL A 381 22.67 5.16 -27.70
N GLU A 382 22.38 6.45 -27.80
CA GLU A 382 23.44 7.44 -27.58
C GLU A 382 23.91 7.37 -26.13
N PHE A 383 23.04 6.87 -25.25
CA PHE A 383 23.39 6.74 -23.84
C PHE A 383 24.41 5.61 -23.69
N ASN A 384 24.12 4.48 -24.32
CA ASN A 384 25.03 3.34 -24.25
C ASN A 384 26.37 3.73 -24.86
N GLN A 385 26.31 4.40 -26.01
CA GLN A 385 27.54 4.84 -26.66
C GLN A 385 28.27 5.83 -25.77
N SER A 386 27.52 6.68 -25.07
CA SER A 386 28.16 7.65 -24.17
C SER A 386 28.89 6.92 -23.05
N LYS A 387 28.32 5.82 -22.57
CA LYS A 387 28.96 5.04 -21.51
C LYS A 387 30.38 4.70 -21.92
N GLN A 388 30.49 4.15 -23.13
CA GLN A 388 31.76 3.73 -23.69
C GLN A 388 32.79 4.86 -23.68
N ILE A 389 32.40 6.01 -24.21
CA ILE A 389 33.27 7.17 -24.28
C ILE A 389 33.85 7.55 -22.92
N ILE A 390 32.99 7.65 -21.92
CA ILE A 390 33.40 8.02 -20.55
C ILE A 390 34.30 6.98 -19.93
N THR A 391 33.87 5.73 -19.96
CA THR A 391 34.62 4.63 -19.39
C THR A 391 36.01 4.52 -20.01
N ASP A 392 36.07 4.42 -21.34
CA ASP A 392 37.36 4.28 -22.00
C ASP A 392 38.08 5.59 -22.31
N ARG A 393 37.56 6.71 -21.81
CA ARG A 393 38.20 8.01 -22.03
C ARG A 393 38.52 8.28 -23.50
N LEU A 394 37.57 7.99 -24.39
CA LEU A 394 37.78 8.21 -25.82
C LEU A 394 37.92 9.69 -26.17
N PRO A 395 38.85 10.02 -27.09
CA PRO A 395 39.11 11.39 -27.53
C PRO A 395 38.13 11.84 -28.61
N VAL A 396 36.84 11.70 -28.36
CA VAL A 396 35.86 12.11 -29.35
C VAL A 396 36.07 13.58 -29.71
N GLU A 397 35.75 13.93 -30.95
CA GLU A 397 35.90 15.30 -31.40
C GLU A 397 34.73 16.15 -30.90
N PRO A 398 35.02 17.10 -30.00
CA PRO A 398 34.07 18.02 -29.38
C PRO A 398 33.16 18.76 -30.35
N ASN A 399 33.74 19.21 -31.46
CA ASN A 399 32.98 19.96 -32.45
C ASN A 399 32.05 19.13 -33.32
N LEU A 400 32.01 17.83 -33.09
CA LEU A 400 31.12 16.97 -33.87
C LEU A 400 30.02 16.39 -32.99
N LEU A 401 30.18 16.52 -31.68
CA LEU A 401 29.19 16.01 -30.74
C LEU A 401 27.82 16.65 -30.92
N GLY A 402 27.80 17.94 -31.25
CA GLY A 402 26.54 18.63 -31.42
C GLY A 402 25.92 18.40 -32.78
N ASP A 403 26.75 18.03 -33.75
CA ASP A 403 26.28 17.80 -35.11
C ASP A 403 25.55 16.46 -35.22
N GLU A 404 24.25 16.51 -35.53
CA GLU A 404 23.46 15.29 -35.65
C GLU A 404 23.51 14.61 -37.02
N SER A 405 24.20 15.21 -37.97
CA SER A 405 24.30 14.60 -39.28
C SER A 405 25.42 13.58 -39.20
N VAL A 406 26.22 13.68 -38.15
CA VAL A 406 27.33 12.75 -37.92
C VAL A 406 26.99 11.79 -36.80
N PRO A 407 26.71 10.51 -37.13
CA PRO A 407 26.37 9.51 -36.12
C PRO A 407 27.42 9.44 -35.00
N LEU A 408 26.93 9.30 -33.78
CA LEU A 408 27.82 9.22 -32.62
C LEU A 408 28.75 8.00 -32.75
N LYS A 409 28.25 6.96 -33.40
CA LYS A 409 29.02 5.74 -33.60
C LYS A 409 30.31 6.03 -34.38
N GLU A 410 30.19 6.90 -35.38
CA GLU A 410 31.34 7.24 -36.21
C GLU A 410 32.30 8.17 -35.46
N ILE A 411 31.76 9.06 -34.65
CA ILE A 411 32.61 9.97 -33.86
C ILE A 411 33.47 9.12 -32.96
N ILE A 412 32.87 8.08 -32.40
CA ILE A 412 33.56 7.17 -31.50
C ILE A 412 34.61 6.36 -32.27
N ALA A 413 34.22 5.82 -33.42
CA ALA A 413 35.13 5.03 -34.24
C ALA A 413 36.41 5.81 -34.52
N ALA A 414 36.27 7.07 -34.94
CA ALA A 414 37.41 7.90 -35.27
C ALA A 414 38.30 8.15 -34.06
N ALA A 415 37.67 8.36 -32.90
CA ALA A 415 38.42 8.62 -31.67
C ALA A 415 39.30 7.43 -31.32
N LYS A 416 38.75 6.23 -31.48
CA LYS A 416 39.50 5.01 -31.19
C LYS A 416 40.63 4.84 -32.19
N ALA A 417 40.39 5.24 -33.44
CA ALA A 417 41.39 5.12 -34.50
C ALA A 417 42.55 6.05 -34.24
N GLU A 418 42.24 7.22 -33.70
CA GLU A 418 43.24 8.22 -33.39
C GLU A 418 44.14 7.73 -32.27
N LEU A 419 43.61 6.85 -31.43
CA LEU A 419 44.35 6.29 -30.31
C LEU A 419 45.38 5.24 -30.74
N SER A 420 45.05 4.49 -31.78
CA SER A 420 45.94 3.44 -32.27
C SER A 420 47.14 3.90 -33.09
N SER A 421 46.89 4.51 -34.24
CA SER A 421 47.96 4.94 -35.13
C SER A 421 48.67 6.28 -34.87
N ALA A 422 48.10 7.12 -34.01
CA ALA A 422 48.74 8.40 -33.76
C ALA A 422 49.07 8.75 -32.32
N PRO A 423 50.36 8.95 -32.04
CA PRO A 423 50.87 9.30 -30.72
C PRO A 423 50.30 10.64 -30.24
N ALA B 3 -34.38 19.42 -9.60
CA ALA B 3 -33.19 19.91 -10.34
C ALA B 3 -32.51 20.96 -9.49
N ASN B 4 -33.05 21.15 -8.29
CA ASN B 4 -32.51 22.12 -7.35
C ASN B 4 -32.25 21.44 -6.03
N ASP B 5 -33.03 20.40 -5.74
CA ASP B 5 -32.88 19.70 -4.49
C ASP B 5 -31.44 19.21 -4.32
N ASN B 6 -30.86 19.56 -3.18
CA ASN B 6 -29.51 19.16 -2.89
C ASN B 6 -29.50 17.92 -2.02
N VAL B 7 -28.72 16.93 -2.44
CA VAL B 7 -28.61 15.71 -1.69
C VAL B 7 -27.22 15.68 -1.07
N VAL B 8 -27.17 15.42 0.22
CA VAL B 8 -25.90 15.32 0.92
C VAL B 8 -25.82 13.90 1.44
N ILE B 9 -24.76 13.20 1.05
CA ILE B 9 -24.53 11.81 1.46
C ILE B 9 -23.34 11.77 2.42
N VAL B 10 -23.59 11.38 3.66
CA VAL B 10 -22.53 11.30 4.65
C VAL B 10 -21.98 9.87 4.68
N GLY B 11 -20.72 9.72 4.28
CA GLY B 11 -20.09 8.42 4.25
C GLY B 11 -19.65 8.08 2.84
N THR B 12 -18.37 7.80 2.64
CA THR B 12 -17.90 7.50 1.29
C THR B 12 -17.56 6.03 1.08
N GLY B 13 -18.36 5.17 1.70
CA GLY B 13 -18.17 3.74 1.54
C GLY B 13 -18.90 3.31 0.28
N LEU B 14 -19.05 2.01 0.08
CA LEU B 14 -19.74 1.51 -1.10
C LEU B 14 -21.16 2.07 -1.12
N ALA B 15 -21.82 2.05 0.04
CA ALA B 15 -23.17 2.53 0.15
C ALA B 15 -23.31 3.98 -0.30
N GLY B 16 -22.59 4.89 0.36
CA GLY B 16 -22.66 6.28 -0.01
C GLY B 16 -22.34 6.54 -1.48
N VAL B 17 -21.31 5.88 -1.98
CA VAL B 17 -20.92 6.10 -3.37
C VAL B 17 -21.93 5.52 -4.35
N GLU B 18 -22.45 4.33 -4.05
CA GLU B 18 -23.43 3.70 -4.92
C GLU B 18 -24.65 4.61 -5.00
N VAL B 19 -25.06 5.15 -3.87
CA VAL B 19 -26.20 6.04 -3.87
C VAL B 19 -25.91 7.22 -4.78
N ALA B 20 -24.75 7.85 -4.58
CA ALA B 20 -24.38 9.01 -5.39
C ALA B 20 -24.56 8.74 -6.89
N PHE B 21 -23.82 7.78 -7.42
CA PHE B 21 -23.92 7.47 -8.84
C PHE B 21 -25.26 6.88 -9.24
N GLY B 22 -25.89 6.14 -8.33
CA GLY B 22 -27.19 5.57 -8.66
C GLY B 22 -28.15 6.71 -8.91
N LEU B 23 -28.15 7.67 -8.00
CA LEU B 23 -28.99 8.86 -8.08
C LEU B 23 -28.85 9.51 -9.44
N ARG B 24 -27.61 9.81 -9.83
CA ARG B 24 -27.35 10.45 -11.11
C ARG B 24 -27.77 9.57 -12.29
N ALA B 25 -27.54 8.27 -12.17
CA ALA B 25 -27.89 7.33 -13.24
C ALA B 25 -29.39 7.17 -13.39
N SER B 26 -30.15 7.57 -12.38
CA SER B 26 -31.60 7.45 -12.43
C SER B 26 -32.26 8.77 -12.79
N GLY B 27 -31.44 9.73 -13.22
CA GLY B 27 -31.99 11.02 -13.61
C GLY B 27 -31.98 12.16 -12.61
N TRP B 28 -31.50 11.93 -11.39
CA TRP B 28 -31.47 13.02 -10.41
C TRP B 28 -30.78 14.20 -11.07
N GLU B 29 -31.38 15.38 -10.96
CA GLU B 29 -30.82 16.59 -11.57
C GLU B 29 -30.17 17.58 -10.60
N GLY B 30 -30.58 17.55 -9.34
CA GLY B 30 -30.00 18.47 -8.37
C GLY B 30 -28.54 18.19 -8.08
N ASN B 31 -28.03 18.82 -7.02
CA ASN B 31 -26.64 18.63 -6.63
C ASN B 31 -26.47 17.35 -5.81
N ILE B 32 -25.28 16.76 -5.91
CA ILE B 32 -24.98 15.56 -5.15
C ILE B 32 -23.64 15.77 -4.45
N ARG B 33 -23.66 15.75 -3.12
CA ARG B 33 -22.46 15.95 -2.30
C ARG B 33 -22.14 14.77 -1.41
N LEU B 34 -20.92 14.25 -1.56
CA LEU B 34 -20.43 13.13 -0.76
C LEU B 34 -19.47 13.69 0.28
N VAL B 35 -19.77 13.49 1.56
CA VAL B 35 -18.87 13.97 2.61
C VAL B 35 -18.38 12.76 3.40
N GLY B 36 -17.08 12.50 3.32
CA GLY B 36 -16.50 11.37 4.02
C GLY B 36 -15.33 11.79 4.88
N ASP B 37 -15.15 11.13 6.01
CA ASP B 37 -14.04 11.46 6.90
C ASP B 37 -12.77 10.77 6.44
N ALA B 38 -12.94 9.80 5.55
CA ALA B 38 -11.81 9.05 5.00
C ALA B 38 -11.06 9.93 4.03
N THR B 39 -9.75 9.74 3.93
CA THR B 39 -8.93 10.51 3.01
C THR B 39 -8.29 9.52 2.07
N VAL B 40 -9.07 9.05 1.10
CA VAL B 40 -8.60 8.11 0.11
C VAL B 40 -9.67 8.07 -0.95
N ILE B 41 -9.30 7.64 -2.15
CA ILE B 41 -10.28 7.53 -3.20
C ILE B 41 -11.17 6.36 -2.79
N PRO B 42 -12.51 6.57 -2.73
CA PRO B 42 -13.42 5.50 -2.34
C PRO B 42 -13.02 4.20 -3.05
N HIS B 43 -13.09 3.09 -2.33
CA HIS B 43 -12.63 1.82 -2.90
C HIS B 43 -13.37 0.60 -2.36
N HIS B 44 -13.17 -0.53 -3.02
CA HIS B 44 -13.79 -1.78 -2.60
C HIS B 44 -13.14 -2.25 -1.31
N LEU B 45 -13.89 -3.02 -0.53
CA LEU B 45 -13.40 -3.53 0.74
C LEU B 45 -13.05 -5.03 0.69
N PRO B 46 -13.89 -5.85 0.06
CA PRO B 46 -13.58 -7.30 0.01
C PRO B 46 -12.12 -7.67 -0.31
N PRO B 47 -11.49 -6.95 -1.26
CA PRO B 47 -10.11 -7.28 -1.61
C PRO B 47 -9.11 -7.11 -0.46
N LEU B 48 -9.48 -6.31 0.54
CA LEU B 48 -8.57 -6.08 1.65
C LEU B 48 -8.27 -7.31 2.50
N SER B 49 -9.03 -8.39 2.32
CA SER B 49 -8.74 -9.61 3.05
C SER B 49 -8.58 -10.74 2.02
N LYS B 50 -8.44 -10.34 0.76
CA LYS B 50 -8.28 -11.30 -0.33
C LYS B 50 -7.09 -10.96 -1.23
N ALA B 51 -7.36 -10.79 -2.53
CA ALA B 51 -6.31 -10.51 -3.51
C ALA B 51 -5.38 -9.35 -3.18
N TYR B 52 -5.90 -8.27 -2.61
CA TYR B 52 -5.05 -7.14 -2.28
C TYR B 52 -4.19 -7.42 -1.06
N LEU B 53 -4.75 -8.10 -0.07
CA LEU B 53 -4.01 -8.43 1.13
C LEU B 53 -2.85 -9.33 0.75
N ALA B 54 -3.02 -10.06 -0.35
CA ALA B 54 -1.98 -10.96 -0.82
C ALA B 54 -1.01 -10.21 -1.74
N GLY B 55 -1.20 -8.90 -1.85
CA GLY B 55 -0.34 -8.08 -2.68
C GLY B 55 -0.34 -8.45 -4.15
N LYS B 56 -1.48 -8.88 -4.68
CA LYS B 56 -1.57 -9.27 -6.09
C LYS B 56 -2.50 -8.40 -6.93
N ALA B 57 -3.11 -7.42 -6.30
CA ALA B 57 -4.01 -6.53 -7.03
C ALA B 57 -3.42 -5.13 -6.91
N THR B 58 -3.57 -4.32 -7.94
CA THR B 58 -3.04 -2.96 -7.88
C THR B 58 -3.95 -2.05 -7.06
N ALA B 59 -3.37 -0.97 -6.57
CA ALA B 59 -4.10 0.00 -5.77
C ALA B 59 -5.24 0.62 -6.58
N GLU B 60 -5.00 0.92 -7.85
CA GLU B 60 -6.03 1.54 -8.67
C GLU B 60 -7.16 0.59 -9.04
N SER B 61 -6.93 -0.71 -8.89
CA SER B 61 -7.97 -1.67 -9.20
C SER B 61 -9.02 -1.61 -8.08
N LEU B 62 -8.62 -1.08 -6.93
CA LEU B 62 -9.53 -0.99 -5.79
C LEU B 62 -10.60 0.11 -5.89
N TYR B 63 -10.33 1.13 -6.69
CA TYR B 63 -11.27 2.24 -6.86
C TYR B 63 -12.68 1.80 -7.22
N LEU B 64 -13.67 2.34 -6.51
CA LEU B 64 -15.06 2.01 -6.80
C LEU B 64 -15.39 2.62 -8.15
N ARG B 65 -14.95 3.86 -8.34
CA ARG B 65 -15.14 4.59 -9.59
C ARG B 65 -13.87 5.43 -9.76
N THR B 66 -13.45 5.62 -11.00
CA THR B 66 -12.25 6.41 -11.24
C THR B 66 -12.56 7.85 -10.81
N PRO B 67 -11.52 8.64 -10.52
CA PRO B 67 -11.80 10.01 -10.09
C PRO B 67 -12.51 10.84 -11.17
N ASP B 68 -12.21 10.58 -12.43
CA ASP B 68 -12.86 11.34 -13.49
C ASP B 68 -14.37 11.11 -13.46
N ALA B 69 -14.76 9.93 -13.00
CA ALA B 69 -16.17 9.57 -12.93
C ALA B 69 -16.97 10.53 -12.08
N TYR B 70 -16.43 10.91 -10.92
CA TYR B 70 -17.14 11.83 -10.04
C TYR B 70 -17.37 13.17 -10.71
N ALA B 71 -16.39 13.61 -11.49
CA ALA B 71 -16.46 14.89 -12.19
C ALA B 71 -17.43 14.79 -13.37
N ALA B 72 -17.22 13.79 -14.22
CA ALA B 72 -18.08 13.58 -15.38
C ALA B 72 -19.55 13.49 -14.97
N GLN B 73 -19.81 13.03 -13.75
CA GLN B 73 -21.17 12.87 -13.24
C GLN B 73 -21.58 14.02 -12.31
N ASN B 74 -20.71 15.02 -12.20
CA ASN B 74 -20.98 16.18 -11.38
C ASN B 74 -21.35 15.80 -9.95
N ILE B 75 -20.61 14.85 -9.40
CA ILE B 75 -20.81 14.39 -8.04
C ILE B 75 -19.65 14.95 -7.21
N GLN B 76 -19.96 15.87 -6.29
CA GLN B 76 -18.93 16.47 -5.47
C GLN B 76 -18.50 15.56 -4.31
N LEU B 77 -17.20 15.31 -4.25
CA LEU B 77 -16.63 14.48 -3.21
C LEU B 77 -15.81 15.34 -2.25
N LEU B 78 -16.13 15.25 -0.96
CA LEU B 78 -15.43 16.02 0.06
C LEU B 78 -14.94 15.03 1.10
N GLY B 79 -13.68 14.61 0.98
CA GLY B 79 -13.12 13.65 1.91
C GLY B 79 -12.41 14.31 3.09
N GLY B 80 -11.83 13.49 3.97
CA GLY B 80 -11.13 14.02 5.13
C GLY B 80 -12.01 14.95 5.96
N THR B 81 -13.29 15.00 5.63
CA THR B 81 -14.22 15.86 6.34
C THR B 81 -15.19 15.04 7.16
N GLN B 82 -15.24 15.31 8.45
CA GLN B 82 -16.14 14.59 9.35
C GLN B 82 -17.41 15.40 9.62
N VAL B 83 -18.56 14.77 9.43
CA VAL B 83 -19.82 15.47 9.70
C VAL B 83 -20.04 15.34 11.21
N THR B 84 -19.97 16.48 11.89
CA THR B 84 -20.10 16.51 13.35
C THR B 84 -21.51 16.62 13.88
N ALA B 85 -22.42 17.19 13.09
CA ALA B 85 -23.79 17.34 13.56
C ALA B 85 -24.79 17.58 12.44
N ILE B 86 -26.05 17.26 12.74
CA ILE B 86 -27.14 17.45 11.81
C ILE B 86 -28.13 18.38 12.49
N ASN B 87 -28.49 19.47 11.81
CA ASN B 87 -29.47 20.40 12.36
C ASN B 87 -30.71 20.20 11.50
N ARG B 88 -31.52 19.23 11.93
CA ARG B 88 -32.72 18.82 11.23
C ARG B 88 -33.67 19.92 10.77
N ASP B 89 -34.08 20.82 11.65
CA ASP B 89 -35.00 21.87 11.22
C ASP B 89 -34.36 22.88 10.29
N ARG B 90 -33.11 23.25 10.56
CA ARG B 90 -32.42 24.18 9.68
C ARG B 90 -32.06 23.41 8.41
N GLN B 91 -32.12 22.09 8.50
CA GLN B 91 -31.82 21.20 7.39
C GLN B 91 -30.42 21.36 6.83
N GLN B 92 -29.42 21.26 7.70
CA GLN B 92 -28.04 21.37 7.26
C GLN B 92 -27.15 20.55 8.18
N VAL B 93 -26.04 20.06 7.63
CA VAL B 93 -25.09 19.28 8.41
C VAL B 93 -23.87 20.15 8.72
N ILE B 94 -23.33 19.97 9.91
CA ILE B 94 -22.16 20.73 10.32
C ILE B 94 -20.88 19.91 10.18
N LEU B 95 -19.91 20.46 9.45
CA LEU B 95 -18.64 19.79 9.23
C LEU B 95 -17.69 20.10 10.39
N SER B 96 -16.53 19.46 10.42
CA SER B 96 -15.56 19.68 11.49
C SER B 96 -14.86 21.03 11.31
N ASP B 97 -14.73 21.49 10.06
CA ASP B 97 -14.08 22.76 9.79
C ASP B 97 -14.99 23.96 10.06
N GLY B 98 -16.17 23.68 10.61
CA GLY B 98 -17.10 24.76 10.94
C GLY B 98 -18.18 24.99 9.90
N ARG B 99 -17.91 24.61 8.65
CA ARG B 99 -18.88 24.80 7.57
C ARG B 99 -20.20 24.09 7.83
N ALA B 100 -21.24 24.60 7.18
CA ALA B 100 -22.57 24.02 7.28
C ALA B 100 -23.03 23.78 5.85
N LEU B 101 -23.61 22.61 5.61
CA LEU B 101 -24.10 22.28 4.28
C LEU B 101 -25.61 22.14 4.31
N ASP B 102 -26.28 22.85 3.41
CA ASP B 102 -27.74 22.77 3.34
C ASP B 102 -28.13 21.52 2.55
N TYR B 103 -29.25 20.93 2.90
CA TYR B 103 -29.72 19.76 2.19
C TYR B 103 -31.24 19.76 2.10
N ASP B 104 -31.75 19.06 1.09
CA ASP B 104 -33.18 18.92 0.88
C ASP B 104 -33.44 17.47 1.20
N ARG B 105 -32.41 16.65 0.98
CA ARG B 105 -32.45 15.22 1.24
C ARG B 105 -31.08 14.83 1.81
N LEU B 106 -31.08 14.15 2.95
CA LEU B 106 -29.84 13.73 3.58
C LEU B 106 -29.79 12.21 3.63
N VAL B 107 -28.64 11.65 3.25
CA VAL B 107 -28.44 10.22 3.28
C VAL B 107 -27.27 9.86 4.18
N LEU B 108 -27.53 9.08 5.23
CA LEU B 108 -26.49 8.67 6.16
C LEU B 108 -25.95 7.28 5.78
N ALA B 109 -24.77 7.27 5.16
CA ALA B 109 -24.10 6.03 4.75
C ALA B 109 -22.86 5.93 5.61
N THR B 110 -23.06 5.90 6.92
CA THR B 110 -21.95 5.89 7.84
C THR B 110 -21.25 4.57 8.12
N GLY B 111 -21.85 3.46 7.71
CA GLY B 111 -21.22 2.17 7.94
C GLY B 111 -20.85 1.92 9.39
N GLY B 112 -19.76 1.20 9.61
CA GLY B 112 -19.36 0.90 10.97
C GLY B 112 -17.86 0.90 11.18
N ARG B 113 -17.48 0.88 12.47
CA ARG B 113 -16.08 0.87 12.87
C ARG B 113 -15.87 -0.43 13.62
N PRO B 114 -14.67 -1.00 13.55
CA PRO B 114 -14.44 -2.27 14.26
C PRO B 114 -14.64 -2.11 15.77
N ARG B 115 -15.15 -3.17 16.40
CA ARG B 115 -15.37 -3.17 17.83
C ARG B 115 -14.02 -3.31 18.49
N PRO B 116 -13.65 -2.37 19.37
CA PRO B 116 -12.36 -2.42 20.05
C PRO B 116 -12.31 -3.61 20.99
N LEU B 117 -11.16 -4.27 21.04
CA LEU B 117 -10.97 -5.39 21.95
C LEU B 117 -10.46 -4.76 23.26
N PRO B 118 -11.30 -4.74 24.32
CA PRO B 118 -10.92 -4.15 25.61
C PRO B 118 -9.48 -4.38 26.04
N VAL B 119 -9.10 -5.64 26.16
CA VAL B 119 -7.75 -6.00 26.60
C VAL B 119 -6.63 -5.44 25.70
N ALA B 120 -6.99 -4.94 24.52
CA ALA B 120 -5.99 -4.39 23.60
C ALA B 120 -6.17 -2.90 23.36
N SER B 121 -6.97 -2.25 24.19
CA SER B 121 -7.21 -0.82 24.03
C SER B 121 -6.09 0.05 24.58
N GLY B 122 -5.17 -0.57 25.33
CA GLY B 122 -4.06 0.19 25.89
C GLY B 122 -3.01 0.57 24.85
N ALA B 123 -1.74 0.32 25.18
CA ALA B 123 -0.65 0.64 24.25
C ALA B 123 -0.68 -0.35 23.08
N VAL B 124 -1.22 -1.55 23.34
CA VAL B 124 -1.30 -2.58 22.32
C VAL B 124 -2.01 -2.05 21.08
N GLY B 125 -3.09 -1.31 21.29
CA GLY B 125 -3.84 -0.75 20.18
C GLY B 125 -3.01 0.15 19.28
N LYS B 126 -1.98 0.77 19.84
CA LYS B 126 -1.13 1.68 19.07
C LYS B 126 0.11 1.01 18.48
N ALA B 127 0.29 -0.28 18.70
CA ALA B 127 1.48 -0.95 18.17
C ALA B 127 1.44 -1.14 16.65
N ASN B 128 2.58 -0.98 16.00
CA ASN B 128 2.69 -1.12 14.56
C ASN B 128 2.36 -2.54 14.10
N ASN B 129 2.53 -3.53 14.97
CA ASN B 129 2.25 -4.90 14.60
C ASN B 129 0.92 -5.42 15.17
N PHE B 130 0.05 -4.48 15.52
CA PHE B 130 -1.29 -4.83 16.00
C PHE B 130 -2.27 -4.04 15.14
N ARG B 131 -3.27 -4.72 14.59
CA ARG B 131 -4.23 -4.03 13.74
C ARG B 131 -5.58 -4.69 13.62
N TYR B 132 -6.58 -3.87 13.30
CA TYR B 132 -7.92 -4.37 13.04
C TYR B 132 -7.92 -4.33 11.51
N LEU B 133 -8.94 -4.89 10.87
CA LEU B 133 -8.95 -4.85 9.41
C LEU B 133 -10.22 -4.23 8.84
N ARG B 134 -10.14 -2.95 8.49
CA ARG B 134 -11.29 -2.24 7.93
C ARG B 134 -10.91 -1.18 6.90
N THR B 135 -9.79 -0.49 7.11
CA THR B 135 -9.37 0.56 6.18
C THR B 135 -8.26 0.13 5.27
N LEU B 136 -8.09 0.87 4.18
CA LEU B 136 -7.04 0.57 3.21
C LEU B 136 -5.71 0.63 3.94
N GLU B 137 -5.64 1.52 4.93
CA GLU B 137 -4.43 1.68 5.72
C GLU B 137 -4.18 0.39 6.49
N ASP B 138 -5.20 -0.09 7.20
CA ASP B 138 -5.05 -1.32 7.96
C ASP B 138 -4.52 -2.43 7.06
N ALA B 139 -5.15 -2.57 5.91
CA ALA B 139 -4.80 -3.58 4.92
C ALA B 139 -3.35 -3.54 4.52
N GLU B 140 -2.87 -2.36 4.14
CA GLU B 140 -1.49 -2.21 3.72
C GLU B 140 -0.51 -2.40 4.87
N CYS B 141 -0.87 -1.90 6.06
CA CYS B 141 0.01 -2.05 7.21
C CYS B 141 0.21 -3.54 7.51
N ILE B 142 -0.86 -4.32 7.32
CA ILE B 142 -0.82 -5.74 7.57
C ILE B 142 -0.03 -6.47 6.49
N ARG B 143 -0.34 -6.14 5.24
CA ARG B 143 0.31 -6.77 4.10
C ARG B 143 1.82 -6.63 4.16
N ARG B 144 2.29 -5.44 4.48
CA ARG B 144 3.74 -5.23 4.58
C ARG B 144 4.36 -6.17 5.61
N GLN B 145 3.52 -6.71 6.50
CA GLN B 145 4.01 -7.59 7.56
C GLN B 145 3.70 -9.08 7.41
N LEU B 146 3.10 -9.48 6.30
CA LEU B 146 2.82 -10.91 6.11
C LEU B 146 4.12 -11.53 5.67
N ILE B 147 5.00 -11.74 6.63
CA ILE B 147 6.32 -12.29 6.38
C ILE B 147 6.44 -13.77 6.66
N ALA B 148 7.01 -14.49 5.70
CA ALA B 148 7.19 -15.94 5.85
C ALA B 148 7.88 -16.27 7.16
N ASP B 149 7.41 -17.33 7.78
CA ASP B 149 7.94 -17.84 9.05
C ASP B 149 7.70 -16.98 10.28
N ASN B 150 7.17 -15.77 10.12
CA ASN B 150 6.89 -14.97 11.29
C ASN B 150 5.62 -15.52 11.93
N ARG B 151 5.35 -15.13 13.17
CA ARG B 151 4.18 -15.65 13.85
C ARG B 151 3.03 -14.67 13.96
N LEU B 152 1.89 -15.09 13.42
CA LEU B 152 0.68 -14.30 13.42
C LEU B 152 -0.39 -14.90 14.30
N VAL B 153 -1.00 -14.07 15.15
CA VAL B 153 -2.10 -14.51 15.98
C VAL B 153 -3.31 -13.68 15.54
N VAL B 154 -4.36 -14.35 15.05
CA VAL B 154 -5.58 -13.67 14.64
C VAL B 154 -6.60 -13.82 15.79
N ILE B 155 -7.18 -12.71 16.24
CA ILE B 155 -8.18 -12.77 17.31
C ILE B 155 -9.56 -12.51 16.72
N GLY B 156 -10.35 -13.57 16.62
CA GLY B 156 -11.69 -13.48 16.05
C GLY B 156 -11.87 -14.53 14.96
N GLY B 157 -12.86 -15.39 15.13
CA GLY B 157 -13.10 -16.45 14.15
C GLY B 157 -14.21 -16.16 13.15
N GLY B 158 -14.32 -14.90 12.73
CA GLY B 158 -15.34 -14.53 11.76
C GLY B 158 -14.82 -14.73 10.36
N TYR B 159 -15.66 -14.47 9.36
CA TYR B 159 -15.24 -14.63 7.97
C TYR B 159 -13.97 -13.85 7.66
N ILE B 160 -13.89 -12.61 8.12
CA ILE B 160 -12.71 -11.81 7.84
C ILE B 160 -11.49 -12.35 8.56
N GLY B 161 -11.66 -12.78 9.79
CA GLY B 161 -10.57 -13.36 10.54
C GLY B 161 -10.06 -14.59 9.81
N LEU B 162 -10.98 -15.41 9.32
CA LEU B 162 -10.59 -16.62 8.60
C LEU B 162 -9.89 -16.27 7.28
N GLU B 163 -10.40 -15.25 6.60
CA GLU B 163 -9.81 -14.84 5.34
C GLU B 163 -8.40 -14.33 5.56
N VAL B 164 -8.19 -13.63 6.67
CA VAL B 164 -6.86 -13.13 6.99
C VAL B 164 -5.93 -14.32 7.29
N ALA B 165 -6.45 -15.31 8.00
CA ALA B 165 -5.64 -16.49 8.33
C ALA B 165 -5.21 -17.23 7.06
N ALA B 166 -6.14 -17.44 6.14
CA ALA B 166 -5.83 -18.13 4.89
C ALA B 166 -4.79 -17.37 4.08
N THR B 167 -4.95 -16.05 3.99
CA THR B 167 -4.01 -15.23 3.26
C THR B 167 -2.63 -15.35 3.91
N ALA B 168 -2.60 -15.20 5.24
CA ALA B 168 -1.34 -15.30 5.97
C ALA B 168 -0.68 -16.68 5.79
N ILE B 169 -1.49 -17.74 5.81
CA ILE B 169 -1.00 -19.09 5.63
C ILE B 169 -0.34 -19.16 4.26
N LYS B 170 -1.06 -18.66 3.25
CA LYS B 170 -0.58 -18.63 1.88
C LYS B 170 0.78 -17.95 1.82
N ALA B 171 0.99 -16.95 2.66
CA ALA B 171 2.27 -16.23 2.70
C ALA B 171 3.33 -16.94 3.55
N ASN B 172 3.04 -18.16 3.94
CA ASN B 172 3.95 -18.96 4.75
C ASN B 172 4.27 -18.41 6.13
N MET B 173 3.25 -17.91 6.80
CA MET B 173 3.42 -17.40 8.15
C MET B 173 3.01 -18.52 9.09
N HIS B 174 3.38 -18.41 10.36
CA HIS B 174 2.97 -19.38 11.34
C HIS B 174 1.69 -18.74 11.87
N VAL B 175 0.54 -19.33 11.57
CA VAL B 175 -0.73 -18.76 11.98
C VAL B 175 -1.49 -19.44 13.12
N THR B 176 -2.06 -18.62 14.01
CA THR B 176 -2.85 -19.11 15.12
C THR B 176 -4.09 -18.22 15.25
N LEU B 177 -5.27 -18.82 15.27
CA LEU B 177 -6.52 -18.07 15.40
C LEU B 177 -7.23 -18.43 16.69
N LEU B 178 -7.62 -17.40 17.43
CA LEU B 178 -8.30 -17.59 18.72
C LEU B 178 -9.73 -17.12 18.63
N ASP B 179 -10.61 -17.83 19.32
CA ASP B 179 -12.00 -17.46 19.37
C ASP B 179 -12.61 -17.88 20.69
N THR B 180 -13.36 -16.97 21.28
CA THR B 180 -14.00 -17.24 22.56
C THR B 180 -15.13 -18.25 22.39
N ALA B 181 -15.76 -18.25 21.21
CA ALA B 181 -16.86 -19.17 20.94
C ALA B 181 -16.37 -20.62 20.91
N ALA B 182 -17.28 -21.57 21.04
CA ALA B 182 -16.92 -22.98 21.04
C ALA B 182 -16.62 -23.47 19.64
N ARG B 183 -16.87 -22.62 18.66
CA ARG B 183 -16.62 -22.96 17.26
C ARG B 183 -16.66 -21.69 16.44
N VAL B 184 -15.94 -21.68 15.33
CA VAL B 184 -15.89 -20.50 14.48
C VAL B 184 -17.24 -20.32 13.78
N LEU B 185 -17.58 -19.07 13.45
CA LEU B 185 -18.83 -18.76 12.77
C LEU B 185 -20.00 -19.42 13.49
N GLU B 186 -19.94 -19.44 14.82
CA GLU B 186 -20.96 -20.07 15.65
C GLU B 186 -22.40 -19.56 15.52
N ARG B 187 -22.56 -18.25 15.52
CA ARG B 187 -23.89 -17.67 15.44
C ARG B 187 -24.56 -17.69 14.07
N VAL B 188 -23.77 -17.80 13.00
CA VAL B 188 -24.34 -17.77 11.65
C VAL B 188 -24.30 -19.10 10.90
N THR B 189 -23.57 -20.07 11.45
CA THR B 189 -23.44 -21.38 10.80
C THR B 189 -23.86 -22.53 11.72
N ALA B 190 -24.23 -23.66 11.13
CA ALA B 190 -24.59 -24.84 11.91
C ALA B 190 -23.28 -25.54 12.27
N PRO B 191 -23.26 -26.30 13.38
CA PRO B 191 -22.05 -27.01 13.81
C PRO B 191 -21.27 -27.70 12.70
N PRO B 192 -21.94 -28.51 11.87
CA PRO B 192 -21.27 -29.22 10.77
C PRO B 192 -20.56 -28.29 9.78
N VAL B 193 -21.13 -27.11 9.53
CA VAL B 193 -20.49 -26.17 8.62
C VAL B 193 -19.22 -25.66 9.31
N SER B 194 -19.33 -25.39 10.61
CA SER B 194 -18.19 -24.92 11.40
C SER B 194 -17.08 -25.94 11.37
N ALA B 195 -17.44 -27.21 11.58
CA ALA B 195 -16.46 -28.29 11.57
C ALA B 195 -15.71 -28.27 10.25
N PHE B 196 -16.46 -28.07 9.16
CA PHE B 196 -15.87 -28.01 7.84
C PHE B 196 -14.75 -26.97 7.79
N TYR B 197 -15.06 -25.75 8.23
CA TYR B 197 -14.08 -24.67 8.23
C TYR B 197 -12.91 -24.90 9.16
N GLU B 198 -13.19 -25.32 10.38
CA GLU B 198 -12.11 -25.57 11.33
C GLU B 198 -11.15 -26.63 10.80
N HIS B 199 -11.70 -27.66 10.17
CA HIS B 199 -10.86 -28.71 9.63
C HIS B 199 -10.11 -28.19 8.39
N LEU B 200 -10.80 -27.39 7.60
CA LEU B 200 -10.23 -26.82 6.38
C LEU B 200 -8.98 -26.03 6.71
N HIS B 201 -9.10 -25.14 7.69
CA HIS B 201 -8.00 -24.30 8.12
C HIS B 201 -6.88 -25.03 8.83
N ARG B 202 -7.24 -26.03 9.64
CA ARG B 202 -6.25 -26.82 10.36
C ARG B 202 -5.42 -27.63 9.37
N GLU B 203 -6.06 -28.12 8.32
CA GLU B 203 -5.33 -28.88 7.32
C GLU B 203 -4.35 -27.96 6.62
N ALA B 204 -4.71 -26.69 6.52
CA ALA B 204 -3.84 -25.72 5.86
C ALA B 204 -2.66 -25.34 6.76
N GLY B 205 -2.79 -25.58 8.07
CA GLY B 205 -1.71 -25.26 8.96
C GLY B 205 -2.08 -24.29 10.05
N VAL B 206 -3.32 -23.81 10.03
CA VAL B 206 -3.77 -22.86 11.05
C VAL B 206 -4.08 -23.57 12.35
N ASP B 207 -3.54 -23.05 13.45
CA ASP B 207 -3.83 -23.63 14.75
C ASP B 207 -5.03 -22.86 15.29
N ILE B 208 -6.21 -23.43 15.10
CA ILE B 208 -7.43 -22.79 15.56
C ILE B 208 -7.70 -23.19 16.99
N ARG B 209 -7.87 -22.19 17.85
CA ARG B 209 -8.13 -22.43 19.26
C ARG B 209 -9.48 -21.87 19.72
N THR B 210 -10.49 -22.73 19.78
CA THR B 210 -11.81 -22.30 20.19
C THR B 210 -11.87 -22.14 21.70
N GLY B 211 -12.94 -21.49 22.17
CA GLY B 211 -13.14 -21.26 23.59
C GLY B 211 -11.94 -20.63 24.29
N THR B 212 -11.16 -19.84 23.56
CA THR B 212 -9.99 -19.20 24.13
C THR B 212 -10.17 -17.70 24.36
N GLN B 213 -9.69 -17.23 25.51
CA GLN B 213 -9.82 -15.82 25.88
C GLN B 213 -8.46 -15.14 26.03
N VAL B 214 -8.31 -13.96 25.42
CA VAL B 214 -7.05 -13.24 25.55
C VAL B 214 -7.18 -12.37 26.78
N CYS B 215 -6.19 -12.44 27.68
CA CYS B 215 -6.23 -11.67 28.91
C CYS B 215 -4.99 -10.79 29.10
N GLY B 216 -4.18 -10.66 28.06
CA GLY B 216 -3.00 -9.83 28.17
C GLY B 216 -2.07 -9.91 26.98
N PHE B 217 -1.29 -8.84 26.80
CA PHE B 217 -0.31 -8.79 25.72
C PHE B 217 1.06 -8.45 26.28
N GLU B 218 2.07 -9.16 25.79
CA GLU B 218 3.44 -8.92 26.22
C GLU B 218 4.02 -7.98 25.18
N MET B 219 4.72 -6.94 25.62
CA MET B 219 5.25 -6.01 24.66
C MET B 219 6.75 -5.78 24.71
N SER B 220 7.28 -5.25 23.61
CA SER B 220 8.69 -4.98 23.51
C SER B 220 9.01 -3.89 24.52
N THR B 221 10.29 -3.74 24.84
CA THR B 221 10.76 -2.74 25.79
C THR B 221 10.29 -1.32 25.47
N ASP B 222 10.40 -0.92 24.20
CA ASP B 222 9.96 0.42 23.82
C ASP B 222 8.44 0.46 23.70
N GLN B 223 7.81 -0.71 23.87
CA GLN B 223 6.37 -0.85 23.79
C GLN B 223 5.79 -0.44 22.45
N GLN B 224 6.60 -0.51 21.40
CA GLN B 224 6.16 -0.14 20.07
C GLN B 224 5.61 -1.36 19.34
N LYS B 225 5.89 -2.54 19.88
CA LYS B 225 5.42 -3.78 19.27
C LYS B 225 4.99 -4.85 20.25
N VAL B 226 4.00 -5.63 19.84
CA VAL B 226 3.51 -6.74 20.65
C VAL B 226 4.47 -7.90 20.41
N THR B 227 4.82 -8.63 21.47
CA THR B 227 5.73 -9.76 21.33
C THR B 227 5.05 -11.09 21.63
N ALA B 228 3.88 -11.02 22.27
CA ALA B 228 3.15 -12.24 22.58
C ALA B 228 1.72 -11.94 23.02
N VAL B 229 0.83 -12.91 22.83
CA VAL B 229 -0.57 -12.79 23.23
C VAL B 229 -0.75 -13.71 24.43
N LEU B 230 -1.41 -13.21 25.47
CA LEU B 230 -1.61 -14.00 26.69
C LEU B 230 -3.04 -14.49 26.84
N CYS B 231 -3.20 -15.79 27.02
CA CYS B 231 -4.52 -16.37 27.18
C CYS B 231 -4.84 -16.63 28.64
N GLU B 232 -6.14 -16.75 28.93
CA GLU B 232 -6.60 -17.00 30.27
C GLU B 232 -6.17 -18.36 30.80
N ASP B 233 -6.06 -19.36 29.94
CA ASP B 233 -5.64 -20.65 30.42
C ASP B 233 -4.15 -20.67 30.75
N GLY B 234 -3.54 -19.48 30.77
CA GLY B 234 -2.13 -19.36 31.08
C GLY B 234 -1.17 -19.36 29.90
N THR B 235 -1.64 -19.80 28.74
CA THR B 235 -0.83 -19.88 27.53
C THR B 235 -0.25 -18.55 27.01
N ARG B 236 1.02 -18.61 26.63
CA ARG B 236 1.71 -17.45 26.09
C ARG B 236 2.01 -17.74 24.63
N LEU B 237 1.37 -16.99 23.74
CA LEU B 237 1.56 -17.17 22.31
C LEU B 237 2.45 -16.07 21.77
N PRO B 238 3.70 -16.41 21.40
CA PRO B 238 4.62 -15.42 20.87
C PRO B 238 4.10 -14.97 19.51
N ALA B 239 4.13 -13.66 19.25
CA ALA B 239 3.62 -13.18 17.99
C ALA B 239 4.39 -12.00 17.42
N ASP B 240 4.55 -12.00 16.10
CA ASP B 240 5.24 -10.92 15.39
C ASP B 240 4.19 -9.97 14.84
N LEU B 241 2.97 -10.49 14.71
CA LEU B 241 1.85 -9.72 14.19
C LEU B 241 0.56 -10.20 14.83
N VAL B 242 -0.34 -9.26 15.10
CA VAL B 242 -1.62 -9.59 15.69
C VAL B 242 -2.71 -8.78 15.01
N ILE B 243 -3.76 -9.48 14.58
CA ILE B 243 -4.88 -8.87 13.89
C ILE B 243 -6.16 -9.22 14.62
N ALA B 244 -6.95 -8.21 14.96
CA ALA B 244 -8.19 -8.42 15.69
C ALA B 244 -9.44 -8.14 14.87
N GLY B 245 -10.45 -8.97 15.10
CA GLY B 245 -11.70 -8.83 14.40
C GLY B 245 -12.80 -9.48 15.21
N ILE B 246 -13.43 -8.68 16.07
CA ILE B 246 -14.51 -9.17 16.91
C ILE B 246 -15.80 -8.42 16.67
N GLY B 247 -16.12 -8.18 15.40
CA GLY B 247 -17.35 -7.50 15.07
C GLY B 247 -17.23 -6.04 14.75
N LEU B 248 -18.31 -5.50 14.19
CA LEU B 248 -18.38 -4.10 13.80
C LEU B 248 -19.37 -3.36 14.66
N ILE B 249 -19.13 -2.07 14.85
CA ILE B 249 -20.03 -1.22 15.62
C ILE B 249 -20.65 -0.22 14.64
N PRO B 250 -21.98 -0.24 14.49
CA PRO B 250 -22.65 0.68 13.56
C PRO B 250 -22.36 2.12 13.94
N ASN B 251 -21.98 2.95 12.97
CA ASN B 251 -21.71 4.35 13.26
C ASN B 251 -23.04 5.11 13.36
N CYS B 252 -23.62 5.13 14.57
CA CYS B 252 -24.92 5.77 14.78
C CYS B 252 -24.90 7.07 15.57
N GLU B 253 -23.74 7.42 16.10
CA GLU B 253 -23.60 8.63 16.90
C GLU B 253 -24.25 9.87 16.28
N LEU B 254 -24.07 10.09 14.98
CA LEU B 254 -24.70 11.26 14.34
C LEU B 254 -26.21 11.25 14.53
N ALA B 255 -26.84 10.13 14.15
CA ALA B 255 -28.28 9.98 14.27
C ALA B 255 -28.70 10.18 15.73
N SER B 256 -28.10 9.41 16.62
CA SER B 256 -28.40 9.50 18.04
C SER B 256 -28.45 10.95 18.50
N ALA B 257 -27.37 11.67 18.23
CA ALA B 257 -27.28 13.07 18.62
C ALA B 257 -28.42 13.92 18.09
N ALA B 258 -28.80 13.72 16.83
CA ALA B 258 -29.87 14.50 16.22
C ALA B 258 -31.25 14.02 16.65
N GLY B 259 -31.27 13.06 17.58
CA GLY B 259 -32.53 12.52 18.07
C GLY B 259 -33.22 11.48 17.21
N LEU B 260 -32.57 10.97 16.18
CA LEU B 260 -33.20 9.97 15.33
C LEU B 260 -33.26 8.64 16.08
N GLN B 261 -34.23 7.81 15.73
CA GLN B 261 -34.37 6.53 16.40
C GLN B 261 -33.18 5.65 16.05
N VAL B 262 -32.57 5.07 17.08
CA VAL B 262 -31.42 4.22 16.92
C VAL B 262 -31.61 2.94 17.71
N ASP B 263 -31.02 1.85 17.24
CA ASP B 263 -31.10 0.58 17.94
C ASP B 263 -30.18 -0.39 17.21
N ASN B 264 -28.94 -0.47 17.67
CA ASN B 264 -27.91 -1.31 17.06
C ASN B 264 -27.94 -1.01 15.56
N GLY B 265 -27.92 0.28 15.26
CA GLY B 265 -27.96 0.72 13.89
C GLY B 265 -29.00 1.82 13.77
N ILE B 266 -28.92 2.62 12.71
CA ILE B 266 -29.87 3.69 12.49
C ILE B 266 -31.12 3.03 11.89
N VAL B 267 -32.26 3.18 12.56
CA VAL B 267 -33.51 2.58 12.11
C VAL B 267 -34.12 3.28 10.91
N ILE B 268 -34.66 2.49 9.98
CA ILE B 268 -35.30 3.03 8.77
C ILE B 268 -36.57 2.26 8.42
N ASN B 269 -37.51 2.96 7.80
CA ASN B 269 -38.77 2.37 7.39
C ASN B 269 -38.64 1.76 5.99
N GLU B 270 -39.73 1.23 5.45
CA GLU B 270 -39.69 0.61 4.12
C GLU B 270 -39.24 1.56 3.02
N HIS B 271 -39.23 2.85 3.32
CA HIS B 271 -38.83 3.83 2.31
C HIS B 271 -37.46 4.42 2.60
N MET B 272 -36.68 3.67 3.40
CA MET B 272 -35.32 4.05 3.76
C MET B 272 -35.22 5.30 4.64
N GLN B 273 -36.33 5.79 5.16
CA GLN B 273 -36.30 6.99 5.99
C GLN B 273 -36.11 6.71 7.46
N THR B 274 -35.45 7.64 8.15
CA THR B 274 -35.23 7.52 9.59
C THR B 274 -36.43 8.23 10.22
N SER B 275 -36.31 8.52 11.51
CA SER B 275 -37.38 9.23 12.23
C SER B 275 -37.69 10.53 11.49
N ASP B 276 -36.67 11.08 10.83
CA ASP B 276 -36.83 12.32 10.07
C ASP B 276 -37.06 11.95 8.60
N PRO B 277 -38.22 12.34 8.06
CA PRO B 277 -38.60 12.07 6.67
C PRO B 277 -37.57 12.47 5.64
N LEU B 278 -36.84 13.54 5.90
CA LEU B 278 -35.86 14.03 4.93
C LEU B 278 -34.49 13.37 5.04
N ILE B 279 -34.35 12.48 6.01
CA ILE B 279 -33.09 11.81 6.25
C ILE B 279 -33.20 10.31 6.12
N MET B 280 -32.41 9.73 5.22
CA MET B 280 -32.39 8.29 5.00
C MET B 280 -31.07 7.69 5.51
N ALA B 281 -31.03 6.36 5.63
CA ALA B 281 -29.83 5.65 6.08
C ALA B 281 -29.63 4.52 5.09
N VAL B 282 -28.41 3.97 5.03
CA VAL B 282 -28.13 2.89 4.07
C VAL B 282 -26.81 2.17 4.35
N GLY B 283 -26.78 0.86 4.06
CA GLY B 283 -25.57 0.08 4.25
C GLY B 283 -25.40 -0.59 5.61
N ASP B 284 -24.16 -0.78 6.02
CA ASP B 284 -23.86 -1.43 7.31
C ASP B 284 -24.50 -0.76 8.51
N CYS B 285 -24.75 0.55 8.41
CA CYS B 285 -25.31 1.31 9.51
C CYS B 285 -26.83 1.25 9.66
N ALA B 286 -27.53 0.81 8.63
CA ALA B 286 -28.98 0.77 8.68
C ALA B 286 -29.65 -0.47 9.28
N ARG B 287 -30.61 -0.22 10.17
CA ARG B 287 -31.41 -1.25 10.84
C ARG B 287 -32.77 -1.18 10.14
N PHE B 288 -33.16 -2.24 9.44
CA PHE B 288 -34.42 -2.25 8.73
C PHE B 288 -35.28 -3.48 8.97
N HIS B 289 -36.57 -3.37 8.66
CA HIS B 289 -37.49 -4.47 8.84
C HIS B 289 -37.47 -5.34 7.59
N SER B 290 -37.17 -6.62 7.77
CA SER B 290 -37.13 -7.53 6.66
C SER B 290 -38.52 -8.11 6.41
N GLN B 291 -39.02 -7.90 5.20
CA GLN B 291 -40.32 -8.43 4.80
C GLN B 291 -40.22 -9.95 4.83
N LEU B 292 -39.21 -10.48 4.15
CA LEU B 292 -38.96 -11.92 4.07
C LEU B 292 -38.88 -12.62 5.43
N TYR B 293 -38.25 -12.00 6.41
CA TYR B 293 -38.15 -12.64 7.71
C TYR B 293 -39.04 -12.05 8.76
N ASP B 294 -39.74 -10.98 8.39
CA ASP B 294 -40.63 -10.30 9.31
C ASP B 294 -39.97 -9.98 10.64
N ARG B 295 -38.77 -9.41 10.57
CA ARG B 295 -38.07 -9.01 11.79
C ARG B 295 -37.07 -7.94 11.43
N TRP B 296 -36.63 -7.20 12.44
CA TRP B 296 -35.66 -6.14 12.21
C TRP B 296 -34.26 -6.70 12.16
N VAL B 297 -33.49 -6.24 11.18
CA VAL B 297 -32.13 -6.71 11.00
C VAL B 297 -31.21 -5.59 10.53
N ARG B 298 -29.92 -5.89 10.50
CA ARG B 298 -28.90 -4.97 10.01
C ARG B 298 -27.88 -5.88 9.35
N ILE B 299 -27.79 -5.80 8.03
CA ILE B 299 -26.87 -6.62 7.27
C ILE B 299 -25.59 -5.86 6.96
N GLU B 300 -24.44 -6.53 7.07
CA GLU B 300 -23.17 -5.89 6.75
C GLU B 300 -22.59 -6.66 5.55
N SER B 301 -22.86 -6.19 4.34
CA SER B 301 -22.35 -6.86 3.16
C SER B 301 -22.46 -6.01 1.90
N VAL B 302 -21.73 -6.42 0.87
CA VAL B 302 -21.73 -5.72 -0.40
C VAL B 302 -23.11 -5.80 -1.07
N PRO B 303 -23.66 -7.02 -1.21
CA PRO B 303 -24.98 -7.15 -1.84
C PRO B 303 -26.04 -6.28 -1.17
N ASN B 304 -25.98 -6.20 0.16
CA ASN B 304 -26.96 -5.42 0.91
C ASN B 304 -26.84 -3.92 0.66
N ALA B 305 -25.61 -3.42 0.61
CA ALA B 305 -25.36 -2.01 0.39
C ALA B 305 -25.87 -1.62 -0.99
N LEU B 306 -25.58 -2.46 -1.98
CA LEU B 306 -26.02 -2.17 -3.32
C LEU B 306 -27.54 -2.13 -3.39
N GLU B 307 -28.18 -3.16 -2.85
CA GLU B 307 -29.63 -3.22 -2.88
C GLU B 307 -30.24 -2.00 -2.22
N GLN B 308 -29.71 -1.60 -1.06
CA GLN B 308 -30.23 -0.42 -0.36
C GLN B 308 -29.95 0.87 -1.07
N ALA B 309 -28.73 1.00 -1.60
CA ALA B 309 -28.32 2.21 -2.32
C ALA B 309 -29.23 2.39 -3.53
N ARG B 310 -29.34 1.34 -4.33
CA ARG B 310 -30.18 1.40 -5.51
C ARG B 310 -31.62 1.72 -5.13
N LYS B 311 -32.07 1.17 -4.02
CA LYS B 311 -33.43 1.43 -3.58
C LYS B 311 -33.62 2.92 -3.23
N ILE B 312 -32.64 3.50 -2.53
CA ILE B 312 -32.72 4.91 -2.18
C ILE B 312 -32.73 5.75 -3.44
N ALA B 313 -31.91 5.38 -4.42
CA ALA B 313 -31.83 6.10 -5.68
C ALA B 313 -33.17 6.09 -6.42
N ALA B 314 -33.82 4.93 -6.44
CA ALA B 314 -35.11 4.80 -7.11
C ALA B 314 -36.11 5.73 -6.44
N ILE B 315 -36.27 5.56 -5.13
CA ILE B 315 -37.22 6.36 -4.38
C ILE B 315 -36.99 7.86 -4.52
N LEU B 316 -35.75 8.30 -4.38
CA LEU B 316 -35.44 9.72 -4.49
C LEU B 316 -35.71 10.25 -5.89
N CYS B 317 -35.63 9.38 -6.90
CA CYS B 317 -35.88 9.78 -8.28
C CYS B 317 -37.31 9.49 -8.71
N GLY B 318 -38.20 9.25 -7.74
CA GLY B 318 -39.58 8.97 -8.03
C GLY B 318 -39.80 7.75 -8.89
N LYS B 319 -39.03 6.69 -8.63
CA LYS B 319 -39.16 5.46 -9.41
C LYS B 319 -39.57 4.27 -8.54
N VAL B 320 -39.84 3.13 -9.18
CA VAL B 320 -40.26 1.93 -8.47
C VAL B 320 -39.07 1.12 -7.98
N PRO B 321 -38.84 1.08 -6.66
CA PRO B 321 -37.71 0.30 -6.15
C PRO B 321 -37.95 -1.17 -6.41
N ARG B 322 -36.90 -1.94 -6.62
CA ARG B 322 -37.07 -3.36 -6.86
C ARG B 322 -37.62 -4.01 -5.58
N ASP B 323 -38.16 -5.22 -5.70
CA ASP B 323 -38.71 -5.92 -4.55
C ASP B 323 -37.58 -6.41 -3.65
N GLU B 324 -37.88 -6.57 -2.36
CA GLU B 324 -36.84 -7.03 -1.44
C GLU B 324 -36.22 -8.31 -1.93
N ALA B 325 -34.89 -8.36 -1.91
CA ALA B 325 -34.16 -9.54 -2.33
C ALA B 325 -33.60 -10.25 -1.12
N ALA B 326 -33.48 -11.56 -1.21
CA ALA B 326 -32.92 -12.30 -0.10
C ALA B 326 -31.52 -11.77 0.15
N PRO B 327 -31.13 -11.59 1.41
CA PRO B 327 -29.80 -11.09 1.74
C PRO B 327 -28.73 -12.16 1.52
N TRP B 328 -27.55 -11.75 1.07
CA TRP B 328 -26.48 -12.70 0.85
C TRP B 328 -25.13 -12.02 0.88
N PHE B 329 -24.07 -12.83 0.82
CA PHE B 329 -22.71 -12.32 0.80
C PHE B 329 -21.79 -13.48 0.46
N TRP B 330 -20.51 -13.21 0.23
CA TRP B 330 -19.59 -14.29 -0.11
C TRP B 330 -18.30 -14.19 0.69
N SER B 331 -17.48 -15.24 0.60
CA SER B 331 -16.21 -15.29 1.30
C SER B 331 -15.25 -16.13 0.47
N ASP B 332 -14.00 -15.72 0.42
CA ASP B 332 -12.99 -16.48 -0.34
C ASP B 332 -11.90 -16.90 0.61
N GLN B 333 -11.73 -18.21 0.79
CA GLN B 333 -10.71 -18.73 1.66
C GLN B 333 -10.06 -19.91 0.94
N TYR B 334 -8.74 -19.91 0.83
CA TYR B 334 -8.02 -20.97 0.15
C TYR B 334 -8.66 -21.31 -1.19
N GLU B 335 -9.14 -20.30 -1.91
CA GLU B 335 -9.76 -20.51 -3.21
C GLU B 335 -11.05 -21.30 -3.19
N ILE B 336 -11.66 -21.44 -2.02
CA ILE B 336 -12.94 -22.14 -1.94
C ILE B 336 -14.00 -21.05 -1.96
N GLY B 337 -14.87 -21.10 -2.96
CA GLY B 337 -15.91 -20.09 -3.06
C GLY B 337 -17.07 -20.28 -2.12
N LEU B 338 -17.11 -19.51 -1.04
CA LEU B 338 -18.20 -19.60 -0.07
C LEU B 338 -19.26 -18.58 -0.44
N LYS B 339 -20.50 -19.02 -0.60
CA LYS B 339 -21.60 -18.11 -0.92
C LYS B 339 -22.86 -18.51 -0.17
N MET B 340 -23.28 -17.67 0.76
CA MET B 340 -24.48 -17.96 1.55
C MET B 340 -25.58 -16.92 1.37
N VAL B 341 -26.81 -17.41 1.25
CA VAL B 341 -27.96 -16.54 1.09
C VAL B 341 -29.03 -16.81 2.13
N GLY B 342 -29.58 -15.74 2.68
CA GLY B 342 -30.63 -15.87 3.67
C GLY B 342 -30.12 -15.75 5.10
N LEU B 343 -31.01 -15.90 6.06
CA LEU B 343 -30.65 -15.80 7.47
C LEU B 343 -31.15 -17.06 8.18
N SER B 344 -30.21 -17.91 8.56
CA SER B 344 -30.51 -19.17 9.23
C SER B 344 -31.04 -19.04 10.66
N GLU B 345 -31.07 -17.82 11.17
CA GLU B 345 -31.56 -17.59 12.52
C GLU B 345 -32.90 -18.27 12.73
N GLY B 346 -32.94 -19.23 13.66
CA GLY B 346 -34.18 -19.93 13.95
C GLY B 346 -34.40 -21.28 13.29
N TYR B 347 -33.42 -21.75 12.52
CA TYR B 347 -33.60 -23.02 11.84
C TYR B 347 -33.78 -24.16 12.84
N ASP B 348 -34.48 -25.21 12.42
CA ASP B 348 -34.69 -26.37 13.28
C ASP B 348 -34.29 -27.66 12.56
N ARG B 349 -33.62 -27.52 11.41
CA ARG B 349 -33.18 -28.67 10.63
C ARG B 349 -32.34 -28.26 9.42
N ILE B 350 -31.21 -28.93 9.20
CA ILE B 350 -30.40 -28.62 8.04
C ILE B 350 -30.44 -29.83 7.12
N ILE B 351 -30.31 -29.58 5.82
CA ILE B 351 -30.29 -30.64 4.82
C ILE B 351 -29.08 -30.38 3.96
N VAL B 352 -28.17 -31.35 3.93
CA VAL B 352 -26.95 -31.22 3.17
C VAL B 352 -27.07 -31.89 1.80
N ARG B 353 -26.88 -31.10 0.75
CA ARG B 353 -26.94 -31.58 -0.60
C ARG B 353 -25.50 -31.75 -1.06
N GLY B 354 -24.95 -32.93 -0.78
CA GLY B 354 -23.56 -33.23 -1.12
C GLY B 354 -22.91 -33.83 0.11
N SER B 355 -21.59 -33.90 0.12
CA SER B 355 -20.88 -34.47 1.25
C SER B 355 -20.02 -33.40 1.90
N LEU B 356 -20.05 -33.33 3.22
CA LEU B 356 -19.25 -32.35 3.94
C LEU B 356 -17.78 -32.74 3.94
N ALA B 357 -17.46 -33.85 3.27
CA ALA B 357 -16.10 -34.37 3.18
C ALA B 357 -15.26 -33.60 2.17
N GLN B 358 -15.91 -33.14 1.11
CA GLN B 358 -15.26 -32.40 0.04
C GLN B 358 -15.77 -30.97 0.00
N PRO B 359 -15.00 -30.05 -0.63
CA PRO B 359 -15.40 -28.63 -0.73
C PRO B 359 -16.37 -28.47 -1.88
N ASP B 360 -17.46 -29.22 -1.82
CA ASP B 360 -18.46 -29.19 -2.87
C ASP B 360 -19.81 -29.60 -2.26
N PHE B 361 -20.60 -28.62 -1.84
CA PHE B 361 -21.89 -28.92 -1.24
C PHE B 361 -22.70 -27.66 -0.91
N SER B 362 -24.00 -27.88 -0.71
CA SER B 362 -24.94 -26.82 -0.34
C SER B 362 -25.69 -27.26 0.93
N VAL B 363 -25.86 -26.34 1.87
CA VAL B 363 -26.54 -26.67 3.10
C VAL B 363 -27.81 -25.84 3.22
N PHE B 364 -28.94 -26.51 3.35
CA PHE B 364 -30.20 -25.80 3.47
C PHE B 364 -30.65 -25.71 4.92
N TYR B 365 -31.03 -24.53 5.36
CA TYR B 365 -31.49 -24.35 6.73
C TYR B 365 -33.00 -24.13 6.71
N LEU B 366 -33.74 -25.08 7.28
CA LEU B 366 -35.19 -24.97 7.28
C LEU B 366 -35.75 -24.74 8.67
N GLN B 367 -36.88 -24.04 8.70
CA GLN B 367 -37.60 -23.80 9.92
C GLN B 367 -38.92 -24.47 9.58
N GLY B 368 -39.09 -25.68 10.07
CA GLY B 368 -40.30 -26.40 9.74
C GLY B 368 -40.09 -26.88 8.31
N ASP B 369 -40.95 -26.44 7.41
CA ASP B 369 -40.86 -26.85 6.02
C ASP B 369 -40.33 -25.75 5.10
N ARG B 370 -40.10 -24.58 5.68
CA ARG B 370 -39.63 -23.42 4.94
C ARG B 370 -38.12 -23.29 4.90
N VAL B 371 -37.58 -23.00 3.72
CA VAL B 371 -36.15 -22.81 3.59
C VAL B 371 -35.81 -21.38 4.01
N LEU B 372 -34.97 -21.24 5.03
CA LEU B 372 -34.56 -19.92 5.53
C LEU B 372 -33.29 -19.40 4.88
N ALA B 373 -32.33 -20.30 4.67
CA ALA B 373 -31.05 -19.92 4.08
C ALA B 373 -30.32 -21.11 3.47
N VAL B 374 -29.34 -20.82 2.64
CA VAL B 374 -28.54 -21.86 2.01
C VAL B 374 -27.07 -21.46 2.02
N ASP B 375 -26.21 -22.33 2.54
CA ASP B 375 -24.77 -22.06 2.54
C ASP B 375 -24.19 -22.92 1.42
N THR B 376 -23.54 -22.29 0.44
CA THR B 376 -22.95 -23.05 -0.65
C THR B 376 -21.44 -22.98 -0.59
N VAL B 377 -20.80 -24.08 -0.96
CA VAL B 377 -19.36 -24.17 -1.00
C VAL B 377 -18.99 -24.68 -2.39
N ASN B 378 -18.37 -23.80 -3.18
CA ASN B 378 -17.98 -24.12 -4.55
C ASN B 378 -19.13 -24.59 -5.42
N ARG B 379 -20.32 -24.00 -5.21
CA ARG B 379 -21.50 -24.32 -6.02
C ARG B 379 -22.19 -23.02 -6.37
N PRO B 380 -21.54 -22.20 -7.20
CA PRO B 380 -22.09 -20.92 -7.61
C PRO B 380 -23.46 -21.02 -8.31
N VAL B 381 -23.68 -22.08 -9.08
CA VAL B 381 -24.95 -22.25 -9.78
C VAL B 381 -26.07 -22.63 -8.80
N GLU B 382 -25.84 -23.60 -7.92
CA GLU B 382 -26.87 -23.95 -6.96
C GLU B 382 -27.12 -22.74 -6.06
N PHE B 383 -26.08 -21.94 -5.86
CA PHE B 383 -26.22 -20.75 -5.04
C PHE B 383 -27.17 -19.76 -5.70
N ASN B 384 -26.88 -19.44 -6.95
CA ASN B 384 -27.69 -18.50 -7.72
C ASN B 384 -29.16 -18.90 -7.76
N GLN B 385 -29.40 -20.19 -7.91
CA GLN B 385 -30.76 -20.71 -7.97
C GLN B 385 -31.41 -20.60 -6.59
N SER B 386 -30.64 -20.90 -5.55
CA SER B 386 -31.13 -20.83 -4.18
C SER B 386 -31.67 -19.45 -3.80
N LYS B 387 -31.05 -18.40 -4.32
CA LYS B 387 -31.48 -17.04 -4.01
C LYS B 387 -32.96 -16.91 -4.27
N GLN B 388 -33.40 -17.48 -5.39
CA GLN B 388 -34.78 -17.41 -5.81
C GLN B 388 -35.74 -18.15 -4.89
N ILE B 389 -35.28 -19.23 -4.27
CA ILE B 389 -36.12 -20.01 -3.38
C ILE B 389 -36.52 -19.16 -2.19
N ILE B 390 -35.58 -18.35 -1.72
CA ILE B 390 -35.85 -17.51 -0.57
C ILE B 390 -36.58 -16.22 -0.94
N THR B 391 -36.10 -15.52 -1.97
CA THR B 391 -36.72 -14.27 -2.39
C THR B 391 -38.20 -14.42 -2.80
N ASP B 392 -38.54 -15.48 -3.50
CA ASP B 392 -39.93 -15.66 -3.92
C ASP B 392 -40.68 -16.69 -3.07
N ARG B 393 -40.07 -17.10 -1.97
CA ARG B 393 -40.68 -18.09 -1.07
C ARG B 393 -41.24 -19.30 -1.82
N LEU B 394 -40.47 -19.82 -2.77
CA LEU B 394 -40.89 -20.99 -3.54
C LEU B 394 -41.09 -22.19 -2.64
N PRO B 395 -42.22 -22.91 -2.81
CA PRO B 395 -42.62 -24.10 -2.04
C PRO B 395 -41.82 -25.37 -2.38
N VAL B 396 -40.50 -25.25 -2.47
CA VAL B 396 -39.68 -26.41 -2.79
C VAL B 396 -40.00 -27.59 -1.89
N GLU B 397 -39.90 -28.80 -2.46
CA GLU B 397 -40.17 -30.03 -1.73
C GLU B 397 -38.94 -30.37 -0.89
N PRO B 398 -39.05 -30.24 0.44
CA PRO B 398 -37.93 -30.53 1.35
C PRO B 398 -37.19 -31.84 1.10
N ASN B 399 -37.94 -32.92 0.88
CA ASN B 399 -37.34 -34.23 0.66
C ASN B 399 -36.42 -34.33 -0.55
N LEU B 400 -36.60 -33.46 -1.53
CA LEU B 400 -35.76 -33.52 -2.71
C LEU B 400 -34.47 -32.70 -2.58
N LEU B 401 -34.45 -31.73 -1.67
CA LEU B 401 -33.27 -30.90 -1.51
C LEU B 401 -31.97 -31.67 -1.36
N GLY B 402 -32.00 -32.76 -0.60
CA GLY B 402 -30.78 -33.53 -0.41
C GLY B 402 -30.50 -34.55 -1.50
N ASP B 403 -31.47 -34.76 -2.39
CA ASP B 403 -31.33 -35.74 -3.46
C ASP B 403 -30.60 -35.19 -4.67
N GLU B 404 -29.28 -35.31 -4.67
CA GLU B 404 -28.48 -34.80 -5.78
C GLU B 404 -28.83 -35.42 -7.13
N SER B 405 -29.71 -36.41 -7.13
CA SER B 405 -30.07 -37.04 -8.41
C SER B 405 -31.15 -36.21 -9.09
N VAL B 406 -31.74 -35.29 -8.35
CA VAL B 406 -32.78 -34.42 -8.88
C VAL B 406 -32.20 -33.01 -8.93
N PRO B 407 -31.96 -32.49 -10.14
CA PRO B 407 -31.40 -31.15 -10.31
C PRO B 407 -32.16 -30.14 -9.47
N LEU B 408 -31.44 -29.24 -8.81
CA LEU B 408 -32.09 -28.22 -7.99
C LEU B 408 -32.98 -27.35 -8.86
N LYS B 409 -32.64 -27.22 -10.13
CA LYS B 409 -33.46 -26.41 -11.04
C LYS B 409 -34.84 -27.00 -11.23
N GLU B 410 -34.89 -28.33 -11.35
CA GLU B 410 -36.16 -29.02 -11.51
C GLU B 410 -37.01 -28.76 -10.28
N ILE B 411 -36.41 -28.97 -9.12
CA ILE B 411 -37.09 -28.76 -7.85
C ILE B 411 -37.71 -27.39 -7.81
N ILE B 412 -36.96 -26.40 -8.29
CA ILE B 412 -37.43 -25.02 -8.31
C ILE B 412 -38.53 -24.83 -9.35
N ALA B 413 -38.39 -25.47 -10.50
CA ALA B 413 -39.41 -25.37 -11.54
C ALA B 413 -40.72 -25.88 -10.95
N ALA B 414 -40.65 -27.02 -10.28
CA ALA B 414 -41.82 -27.63 -9.66
C ALA B 414 -42.51 -26.71 -8.64
N ALA B 415 -41.72 -26.03 -7.82
CA ALA B 415 -42.28 -25.14 -6.82
C ALA B 415 -42.91 -23.91 -7.49
N LYS B 416 -42.36 -23.50 -8.63
CA LYS B 416 -42.92 -22.35 -9.33
C LYS B 416 -44.25 -22.75 -9.93
N ALA B 417 -44.33 -23.96 -10.46
CA ALA B 417 -45.58 -24.45 -11.03
C ALA B 417 -46.66 -24.43 -9.95
N GLU B 418 -46.39 -25.08 -8.82
CA GLU B 418 -47.36 -25.13 -7.73
C GLU B 418 -47.85 -23.74 -7.37
N LEU B 419 -46.92 -22.80 -7.28
CA LEU B 419 -47.22 -21.42 -6.92
C LEU B 419 -48.13 -20.72 -7.91
N SER B 420 -47.87 -20.92 -9.20
CA SER B 420 -48.68 -20.26 -10.22
C SER B 420 -49.95 -21.03 -10.54
N SER B 421 -49.85 -22.35 -10.75
CA SER B 421 -51.04 -23.11 -11.02
C SER B 421 -51.95 -23.11 -9.78
N ALA B 422 -52.08 -21.94 -9.14
CA ALA B 422 -53.01 -21.69 -8.02
C ALA B 422 -52.63 -20.70 -6.90
N PRO B 423 -52.42 -19.43 -7.32
CA PRO B 423 -52.07 -18.16 -6.66
C PRO B 423 -52.35 -17.83 -5.14
PA FAD C . 19.06 1.43 1.56
O1A FAD C . 18.77 2.56 2.48
O2A FAD C . 18.08 1.13 0.50
O5B FAD C . 19.31 0.12 2.41
C5B FAD C . 20.03 0.16 3.64
C4B FAD C . 19.21 -0.52 4.72
O4B FAD C . 20.05 -0.80 5.89
C3B FAD C . 18.07 0.37 5.22
O3B FAD C . 16.88 -0.41 5.32
C2B FAD C . 18.53 0.80 6.59
O2B FAD C . 17.41 1.03 7.44
C1B FAD C . 19.30 -0.41 7.06
N9A FAD C . 20.18 -0.13 8.22
C8A FAD C . 21.00 0.93 8.37
N7A FAD C . 21.62 0.83 9.55
C5A FAD C . 21.20 -0.28 10.14
C6A FAD C . 21.49 -0.88 11.36
N6A FAD C . 22.34 -0.32 12.20
N1A FAD C . 20.88 -2.06 11.68
C2A FAD C . 20.01 -2.64 10.84
N3A FAD C . 19.71 -2.07 9.66
C4A FAD C . 20.29 -0.90 9.30
N1 FAD C . 18.26 4.83 -8.10
C2 FAD C . 18.38 4.68 -9.48
O2 FAD C . 19.44 4.30 -9.98
N3 FAD C . 17.26 4.94 -10.30
C4 FAD C . 16.04 5.35 -9.72
O4 FAD C . 15.06 5.58 -10.44
C4X FAD C . 15.94 5.51 -8.33
N5 FAD C . 14.74 5.85 -7.76
C5X FAD C . 14.58 5.92 -6.42
C6 FAD C . 13.33 6.27 -5.88
C7 FAD C . 13.14 6.34 -4.49
C7M FAD C . 11.76 6.77 -3.94
C8 FAD C . 14.22 6.07 -3.61
C8M FAD C . 14.05 6.10 -2.09
C9 FAD C . 15.48 5.73 -4.15
C9A FAD C . 15.66 5.66 -5.56
N10 FAD C . 16.92 5.31 -6.12
C10 FAD C . 17.05 5.24 -7.52
C1' FAD C . 18.11 5.03 -5.23
C2' FAD C . 18.36 3.51 -5.12
O2' FAD C . 17.14 2.85 -4.80
C3' FAD C . 19.41 3.21 -4.05
O3' FAD C . 20.58 3.99 -4.31
C4' FAD C . 19.77 1.71 -4.04
O4' FAD C . 18.61 0.94 -3.82
C5' FAD C . 20.81 1.37 -2.96
O5' FAD C . 20.25 1.46 -1.64
P FAD C . 21.10 0.88 -0.39
O1P FAD C . 20.78 -0.55 -0.24
O2P FAD C . 22.51 1.27 -0.59
O3P FAD C . 20.51 1.72 0.89
PA FAD D . -18.26 1.77 5.24
O1A FAD D . -17.78 1.65 6.65
O2A FAD D . -17.52 1.05 4.19
O5B FAD D . -18.27 3.33 4.84
C5B FAD D . -18.73 4.34 5.74
C4B FAD D . -17.79 5.57 5.64
O4B FAD D . -18.44 6.76 6.20
C3B FAD D . -16.53 5.32 6.47
O3B FAD D . -15.40 5.93 5.83
C2B FAD D . -16.84 6.07 7.76
O2B FAD D . -15.63 6.45 8.40
C1B FAD D . -17.54 7.29 7.22
N9A FAD D . -18.27 8.08 8.25
C8A FAD D . -19.00 7.59 9.27
N7A FAD D . -19.49 8.61 9.97
C5A FAD D . -19.08 9.73 9.42
C6A FAD D . -19.26 11.07 9.70
N6A FAD D . -20.03 11.44 10.73
N1A FAD D . -18.68 12.02 8.92
C2A FAD D . -17.92 11.67 7.86
N3A FAD D . -17.73 10.36 7.56
C4A FAD D . -18.29 9.40 8.32
N1 FAD D . -18.99 -7.98 2.09
C2 FAD D . -19.36 -8.96 1.16
O2 FAD D . -20.53 -9.06 0.79
N3 FAD D . -18.38 -9.84 0.65
C4 FAD D . -17.03 -9.74 1.08
O4 FAD D . -16.19 -10.50 0.60
C4X FAD D . -16.66 -8.75 2.01
N5 FAD D . -15.38 -8.64 2.42
C5X FAD D . -14.97 -7.70 3.32
C6 FAD D . -13.62 -7.62 3.71
C7 FAD D . -13.20 -6.63 4.62
C7M FAD D . -11.72 -6.59 5.04
C8 FAD D . -14.13 -5.71 5.15
C8M FAD D . -13.68 -4.59 6.11
C9 FAD D . -15.49 -5.78 4.76
C9A FAD D . -15.91 -6.78 3.86
N10 FAD D . -17.27 -6.87 3.43
C10 FAD D . -17.65 -7.87 2.50
C1' FAD D . -18.28 -5.87 3.92
C2' FAD D . -18.59 -4.83 2.82
O2' FAD D . -17.36 -4.32 2.31
C3' FAD D . -19.44 -3.68 3.36
O3' FAD D . -20.62 -4.20 3.96
C4' FAD D . -19.81 -2.71 2.22
O4' FAD D . -18.61 -2.19 1.62
C5' FAD D . -20.69 -1.54 2.69
O5' FAD D . -19.97 -0.61 3.52
P FAD D . -20.68 0.79 3.93
O1P FAD D . -20.50 1.74 2.80
O2P FAD D . -22.06 0.48 4.35
O3P FAD D . -19.83 1.31 5.25
#